data_7R3E
#
_entry.id   7R3E
#
_cell.length_a   159.651
_cell.length_b   159.651
_cell.length_c   288.743
_cell.angle_alpha   90.000
_cell.angle_beta   90.000
_cell.angle_gamma   90.000
#
_symmetry.space_group_name_H-M   'I 4 2 2'
#
loop_
_entity.id
_entity.type
_entity.pdbx_description
1 polymer '2-aminobenzoylacetyl-CoA thioesterase,Regulatory protein RhlR'
2 non-polymer 'FE (III) ION'
3 non-polymer 4-(3-bromophenoxy)-N-[(3S)-2-oxothiolan-3-yl]butanamide
4 water water
#
_entity_poly.entity_id   1
_entity_poly.type   'polypeptide(L)'
_entity_poly.pdbx_seq_one_letter_code
;MGHHHHHHAENLYFQGHMLRLSAPGQLDDDLCLLGDVQVPVFLLRLGEASWALVEGGISRDAELVWADLCRWVADPSQVH
YWLITHKHYDHCGLLPYLCPRLPNVQVLASERTCQAWKSESAVRVVERLNRQLLRAEQRLPEACAWDALPVRAVADGEWL
ELGPRHRLQVIEAHGHSDDHVVFYDVRRRRLFCGDALGEFDEAEGVWRPLVFDDMEAYLESLERLQRLPTLLQLIPGHGG
LLRGRLAADGAESAYTECLRLCRRLLWRQSMGESLDELSEELHRAWGGQSVDFLPGELHLGSMRRMLEILSRQALPLDSG
SETPGTSESATPESGPGTMRNDGGFLLWWDGLRSEMQPIHDSQGVFAVLEKEVRRLGFDYYAYGVRHTIPFTRPKTEVHG
TYPKAWLERYQMQNYGAVDPAILNGLRSSEMVVWSDSLFDQSRMLWNEARDWGLCVGATLPIRAPNNLLSVLSVARDQQN
ISSFEREEIRLRLRCMIELLTQKLTDLEHPMLMSNPVCLSHREREILQWTADGKSSGEIAIILSISESTVNFHHKNIQKK
FDAPNKTLAAAYAAALGLI
;
_entity_poly.pdbx_strand_id   A,B
#
# COMPACT_ATOMS: atom_id res chain seq x y z
N GLN A 15 16.00 25.22 -26.72
CA GLN A 15 16.23 24.63 -25.37
C GLN A 15 16.69 25.70 -24.39
N GLY A 16 16.81 25.29 -23.13
CA GLY A 16 17.26 26.22 -22.10
C GLY A 16 17.73 25.49 -20.87
N HIS A 17 18.26 26.28 -19.94
CA HIS A 17 18.54 25.80 -18.59
C HIS A 17 17.35 25.99 -17.66
N MET A 18 16.31 26.69 -18.13
CA MET A 18 15.09 26.89 -17.37
C MET A 18 14.31 25.58 -17.22
N LEU A 19 13.37 25.58 -16.28
CA LEU A 19 12.46 24.45 -16.10
C LEU A 19 11.07 24.72 -16.66
N ARG A 20 10.70 25.99 -16.84
CA ARG A 20 9.42 26.35 -17.42
C ARG A 20 9.66 27.29 -18.60
N LEU A 21 9.14 26.92 -19.76
CA LEU A 21 9.20 27.73 -20.96
C LEU A 21 7.83 28.36 -21.16
N SER A 22 7.79 29.69 -21.16
CA SER A 22 6.51 30.40 -21.07
C SER A 22 6.57 31.70 -21.87
N ALA A 23 6.99 31.60 -23.13
CA ALA A 23 7.08 32.75 -24.01
C ALA A 23 6.57 32.33 -25.39
N PRO A 24 5.74 33.16 -26.03
CA PRO A 24 5.35 32.86 -27.41
C PRO A 24 6.57 32.58 -28.27
N GLY A 25 6.42 31.66 -29.22
CA GLY A 25 7.52 31.23 -30.07
C GLY A 25 7.82 29.76 -29.89
N GLN A 26 8.98 29.36 -30.41
CA GLN A 26 9.36 27.95 -30.43
C GLN A 26 9.64 27.43 -29.02
N LEU A 27 9.24 26.18 -28.77
CA LEU A 27 9.53 25.51 -27.51
C LEU A 27 10.40 24.26 -27.67
N ASP A 28 10.21 23.52 -28.76
CA ASP A 28 11.03 22.34 -29.04
C ASP A 28 11.21 22.23 -30.54
N ASP A 29 11.98 21.24 -30.98
CA ASP A 29 12.30 21.10 -32.39
C ASP A 29 11.07 20.87 -33.27
N ASP A 30 9.89 20.65 -32.67
CA ASP A 30 8.68 20.41 -33.45
C ASP A 30 7.48 21.18 -32.93
N LEU A 31 7.64 22.09 -31.99
CA LEU A 31 6.51 22.63 -31.24
C LEU A 31 6.65 24.13 -31.02
N CYS A 32 5.53 24.84 -31.16
CA CYS A 32 5.49 26.28 -30.93
C CYS A 32 4.30 26.65 -30.06
N LEU A 33 4.49 27.68 -29.24
CA LEU A 33 3.42 28.29 -28.45
C LEU A 33 2.96 29.54 -29.17
N LEU A 34 1.67 29.60 -29.49
CA LEU A 34 1.06 30.68 -30.25
C LEU A 34 0.07 31.43 -29.37
N GLY A 35 0.09 32.75 -29.49
CA GLY A 35 -0.85 33.61 -28.81
C GLY A 35 -0.38 33.98 -27.42
N ASP A 36 -1.30 33.99 -26.46
CA ASP A 36 -0.99 34.40 -25.10
C ASP A 36 -0.61 33.15 -24.30
N VAL A 37 0.51 33.23 -23.57
CA VAL A 37 0.96 32.12 -22.76
C VAL A 37 -0.08 31.68 -21.74
N GLN A 38 -1.04 32.55 -21.41
CA GLN A 38 -2.08 32.18 -20.47
C GLN A 38 -3.06 31.19 -21.08
N VAL A 39 -3.51 31.46 -22.30
CA VAL A 39 -4.43 30.57 -23.01
C VAL A 39 -3.75 30.18 -24.31
N PRO A 40 -2.66 29.42 -24.26
CA PRO A 40 -1.85 29.19 -25.45
C PRO A 40 -2.54 28.25 -26.43
N VAL A 41 -2.10 28.32 -27.68
CA VAL A 41 -2.40 27.28 -28.67
C VAL A 41 -1.08 26.71 -29.13
N PHE A 42 -1.00 25.38 -29.22
CA PHE A 42 0.26 24.73 -29.53
C PHE A 42 0.25 24.23 -30.97
N LEU A 43 1.39 24.34 -31.63
CA LEU A 43 1.52 24.02 -33.05
C LEU A 43 2.57 22.94 -33.22
N LEU A 44 2.21 21.88 -33.97
CA LEU A 44 3.05 20.72 -34.21
C LEU A 44 3.33 20.60 -35.70
N ARG A 45 4.61 20.47 -36.05
CA ARG A 45 5.03 20.28 -37.45
C ARG A 45 5.17 18.79 -37.74
N LEU A 46 4.13 18.21 -38.35
CA LEU A 46 4.14 16.79 -38.68
C LEU A 46 5.05 16.48 -39.86
N GLY A 47 5.32 17.46 -40.71
CA GLY A 47 6.14 17.26 -41.87
C GLY A 47 6.44 18.58 -42.54
N GLU A 48 6.97 18.50 -43.77
CA GLU A 48 7.32 19.71 -44.49
C GLU A 48 6.08 20.56 -44.78
N ALA A 49 4.97 19.91 -45.12
CA ALA A 49 3.73 20.60 -45.45
C ALA A 49 2.55 19.94 -44.75
N SER A 50 2.72 19.62 -43.46
CA SER A 50 1.64 19.05 -42.67
C SER A 50 1.79 19.56 -41.24
N TRP A 51 0.71 20.10 -40.68
CA TRP A 51 0.76 20.74 -39.37
C TRP A 51 -0.48 20.36 -38.58
N ALA A 52 -0.39 20.54 -37.26
CA ALA A 52 -1.51 20.28 -36.37
C ALA A 52 -1.53 21.30 -35.25
N LEU A 53 -2.70 21.48 -34.65
CA LEU A 53 -2.88 22.36 -33.51
C LEU A 53 -3.33 21.56 -32.30
N VAL A 54 -3.13 22.16 -31.13
CA VAL A 54 -3.52 21.56 -29.85
C VAL A 54 -4.01 22.66 -28.93
N GLU A 55 -5.13 22.38 -28.25
CA GLU A 55 -5.82 23.34 -27.38
C GLU A 55 -6.52 24.38 -28.24
N GLY A 56 -7.76 24.71 -27.89
CA GLY A 56 -8.57 25.62 -28.67
C GLY A 56 -8.61 27.05 -28.17
N GLY A 57 -7.95 27.34 -27.04
CA GLY A 57 -7.85 28.70 -26.54
C GLY A 57 -9.18 29.41 -26.42
N ILE A 58 -9.14 30.75 -26.43
CA ILE A 58 -10.33 31.56 -26.27
C ILE A 58 -10.60 32.35 -27.55
N SER A 59 -11.85 32.78 -27.69
CA SER A 59 -12.30 33.48 -28.88
C SER A 59 -11.47 34.74 -29.15
N ARG A 60 -11.25 35.55 -28.12
CA ARG A 60 -10.75 36.90 -28.35
C ARG A 60 -9.32 36.93 -28.88
N ASP A 61 -8.58 35.82 -28.77
CA ASP A 61 -7.22 35.77 -29.32
C ASP A 61 -7.20 35.40 -30.80
N ALA A 62 -8.37 35.27 -31.44
CA ALA A 62 -8.42 34.72 -32.79
C ALA A 62 -7.43 35.41 -33.71
N GLU A 63 -7.41 36.74 -33.71
CA GLU A 63 -6.56 37.46 -34.64
C GLU A 63 -5.10 37.47 -34.21
N LEU A 64 -4.84 37.38 -32.90
CA LEU A 64 -3.45 37.21 -32.44
C LEU A 64 -2.89 35.88 -32.91
N VAL A 65 -3.50 34.78 -32.45
CA VAL A 65 -3.08 33.43 -32.83
C VAL A 65 -2.83 33.36 -34.33
N TRP A 66 -3.86 33.71 -35.12
CA TRP A 66 -3.70 33.69 -36.57
C TRP A 66 -2.39 34.32 -37.00
N ALA A 67 -2.16 35.56 -36.56
CA ALA A 67 -0.90 36.24 -36.88
C ALA A 67 0.28 35.30 -36.65
N ASP A 68 0.48 34.87 -35.41
CA ASP A 68 1.63 34.03 -35.10
C ASP A 68 1.68 32.80 -36.00
N LEU A 69 0.53 32.17 -36.25
CA LEU A 69 0.53 30.98 -37.08
C LEU A 69 1.13 31.26 -38.44
N CYS A 70 0.75 32.37 -39.07
CA CYS A 70 1.22 32.66 -40.41
C CYS A 70 2.71 32.99 -40.46
N ARG A 71 3.36 33.14 -39.31
CA ARG A 71 4.81 33.38 -39.31
C ARG A 71 5.59 32.09 -39.45
N TRP A 72 4.97 30.94 -39.18
CA TRP A 72 5.62 29.65 -39.22
C TRP A 72 5.17 28.79 -40.40
N VAL A 73 3.89 28.85 -40.74
CA VAL A 73 3.29 28.03 -41.79
C VAL A 73 3.12 28.88 -43.04
N ALA A 74 3.66 28.41 -44.16
CA ALA A 74 3.50 29.14 -45.41
C ALA A 74 2.07 29.07 -45.93
N ASP A 75 1.34 27.99 -45.62
CA ASP A 75 0.00 27.79 -46.16
C ASP A 75 -0.95 27.26 -45.10
N PRO A 76 -2.07 27.95 -44.84
CA PRO A 76 -3.03 27.43 -43.84
C PRO A 76 -3.67 26.12 -44.24
N SER A 77 -3.67 25.77 -45.54
CA SER A 77 -4.22 24.49 -45.96
C SER A 77 -3.36 23.32 -45.47
N GLN A 78 -2.14 23.59 -45.04
CA GLN A 78 -1.25 22.55 -44.53
C GLN A 78 -1.57 22.17 -43.10
N VAL A 79 -2.48 22.89 -42.45
CA VAL A 79 -2.98 22.49 -41.13
C VAL A 79 -4.05 21.43 -41.33
N HIS A 80 -3.78 20.21 -40.84
CA HIS A 80 -4.62 19.06 -41.11
C HIS A 80 -5.36 18.55 -39.89
N TYR A 81 -4.89 18.84 -38.69
CA TYR A 81 -5.51 18.32 -37.47
C TYR A 81 -5.52 19.39 -36.39
N TRP A 82 -6.57 19.36 -35.57
CA TRP A 82 -6.68 20.23 -34.40
C TRP A 82 -7.17 19.40 -33.24
N LEU A 83 -6.37 19.32 -32.18
CA LEU A 83 -6.66 18.47 -31.03
C LEU A 83 -7.24 19.32 -29.91
N ILE A 84 -8.33 18.84 -29.31
CA ILE A 84 -9.08 19.58 -28.29
C ILE A 84 -9.27 18.67 -27.09
N THR A 85 -8.82 19.15 -25.92
CA THR A 85 -8.93 18.35 -24.70
C THR A 85 -10.39 18.20 -24.25
N HIS A 86 -11.10 19.31 -24.09
CA HIS A 86 -12.45 19.24 -23.52
C HIS A 86 -13.27 20.45 -23.96
N LYS A 87 -14.49 20.55 -23.40
CA LYS A 87 -15.54 21.39 -23.95
C LYS A 87 -15.62 22.78 -23.34
N HIS A 88 -15.08 22.99 -22.13
CA HIS A 88 -15.22 24.27 -21.45
CA HIS A 88 -15.25 24.27 -21.46
C HIS A 88 -14.88 25.42 -22.39
N TYR A 89 -15.53 26.57 -22.16
CA TYR A 89 -15.44 27.70 -23.08
C TYR A 89 -14.01 28.13 -23.37
N ASP A 90 -13.06 27.83 -22.49
CA ASP A 90 -11.70 28.34 -22.62
C ASP A 90 -10.76 27.35 -23.32
N HIS A 91 -11.29 26.32 -23.97
CA HIS A 91 -10.45 25.40 -24.74
C HIS A 91 -11.08 25.03 -26.07
N CYS A 92 -12.09 25.76 -26.53
CA CYS A 92 -12.67 25.52 -27.85
C CYS A 92 -13.20 26.80 -28.49
N GLY A 93 -12.86 27.98 -27.96
CA GLY A 93 -13.47 29.22 -28.44
C GLY A 93 -12.99 29.65 -29.81
N LEU A 94 -11.78 29.25 -30.19
CA LEU A 94 -11.21 29.71 -31.46
C LEU A 94 -11.76 28.95 -32.66
N LEU A 95 -12.30 27.75 -32.45
CA LEU A 95 -12.68 26.89 -33.56
C LEU A 95 -13.63 27.60 -34.53
N PRO A 96 -14.76 28.14 -34.06
CA PRO A 96 -15.73 28.72 -35.01
C PRO A 96 -15.18 29.85 -35.84
N TYR A 97 -14.06 30.46 -35.44
CA TYR A 97 -13.53 31.63 -36.11
C TYR A 97 -12.35 31.31 -37.02
N LEU A 98 -11.55 30.31 -36.68
CA LEU A 98 -10.36 29.99 -37.44
C LEU A 98 -10.51 28.74 -38.30
N CYS A 99 -11.44 27.85 -37.97
CA CYS A 99 -11.72 26.74 -38.87
C CYS A 99 -12.18 27.21 -40.25
N PRO A 100 -12.99 28.26 -40.38
CA PRO A 100 -13.29 28.80 -41.72
C PRO A 100 -12.05 29.22 -42.50
N ARG A 101 -10.88 29.28 -41.87
CA ARG A 101 -9.64 29.62 -42.54
C ARG A 101 -8.69 28.43 -42.68
N LEU A 102 -9.02 27.29 -42.08
CA LEU A 102 -8.18 26.09 -42.16
C LEU A 102 -8.94 25.01 -42.92
N PRO A 103 -8.92 25.04 -44.25
CA PRO A 103 -9.80 24.14 -45.01
C PRO A 103 -9.54 22.66 -44.78
N ASN A 104 -8.31 22.26 -44.50
CA ASN A 104 -7.92 20.85 -44.48
C ASN A 104 -7.92 20.27 -43.07
N VAL A 105 -8.50 20.95 -42.10
CA VAL A 105 -8.36 20.60 -40.70
C VAL A 105 -9.48 19.65 -40.27
N GLN A 106 -9.13 18.64 -39.49
CA GLN A 106 -10.07 17.84 -38.71
C GLN A 106 -9.96 18.26 -37.25
N VAL A 107 -11.08 18.62 -36.65
CA VAL A 107 -11.12 18.77 -35.20
C VAL A 107 -11.22 17.36 -34.60
N LEU A 108 -10.42 17.10 -33.58
CA LEU A 108 -10.42 15.80 -32.89
C LEU A 108 -10.76 16.04 -31.43
N ALA A 109 -11.85 15.43 -30.96
CA ALA A 109 -12.29 15.58 -29.59
C ALA A 109 -13.00 14.31 -29.15
N SER A 110 -13.22 14.20 -27.84
CA SER A 110 -13.93 13.07 -27.29
C SER A 110 -15.41 13.11 -27.66
N GLU A 111 -16.02 11.93 -27.72
CA GLU A 111 -17.43 11.82 -28.10
C GLU A 111 -18.28 12.78 -27.28
N ARG A 112 -18.07 12.81 -25.96
CA ARG A 112 -18.79 13.78 -25.13
C ARG A 112 -18.57 15.20 -25.61
N THR A 113 -17.34 15.55 -25.98
CA THR A 113 -17.04 16.91 -26.43
C THR A 113 -17.78 17.23 -27.74
N CYS A 114 -17.71 16.33 -28.71
CA CYS A 114 -18.39 16.54 -29.98
C CYS A 114 -19.90 16.65 -29.78
N GLN A 115 -20.45 15.90 -28.81
CA GLN A 115 -21.86 16.02 -28.50
C GLN A 115 -22.17 17.37 -27.84
N ALA A 116 -21.30 17.80 -26.93
CA ALA A 116 -21.50 19.10 -26.28
C ALA A 116 -21.57 20.22 -27.31
N TRP A 117 -20.79 20.13 -28.37
CA TRP A 117 -20.88 21.17 -29.40
C TRP A 117 -22.18 21.14 -30.19
N LYS A 118 -22.98 20.09 -30.05
CA LYS A 118 -24.26 20.02 -30.74
C LYS A 118 -25.42 20.57 -29.92
N SER A 119 -25.23 20.71 -28.61
CA SER A 119 -26.29 21.25 -27.75
C SER A 119 -26.27 22.77 -27.78
N GLU A 120 -27.44 23.37 -28.02
CA GLU A 120 -27.55 24.82 -28.04
C GLU A 120 -27.19 25.43 -26.68
N SER A 121 -27.55 24.74 -25.59
CA SER A 121 -27.31 25.28 -24.26
C SER A 121 -25.82 25.38 -23.97
N ALA A 122 -25.08 24.30 -24.20
CA ALA A 122 -23.65 24.31 -23.90
C ALA A 122 -22.92 25.33 -24.77
N VAL A 123 -23.25 25.40 -26.05
CA VAL A 123 -22.59 26.36 -26.92
C VAL A 123 -22.98 27.78 -26.54
N ARG A 124 -24.19 27.98 -26.01
CA ARG A 124 -24.58 29.31 -25.56
C ARG A 124 -23.77 29.72 -24.34
N VAL A 125 -23.57 28.79 -23.40
CA VAL A 125 -22.68 29.08 -22.27
C VAL A 125 -21.29 29.43 -22.78
N VAL A 126 -20.78 28.63 -23.72
CA VAL A 126 -19.44 28.85 -24.25
C VAL A 126 -19.34 30.24 -24.86
N GLU A 127 -20.33 30.63 -25.67
CA GLU A 127 -20.26 31.92 -26.34
C GLU A 127 -20.45 33.08 -25.37
N ARG A 128 -21.34 32.96 -24.40
CA ARG A 128 -21.48 34.02 -23.41
C ARG A 128 -20.16 34.25 -22.68
N LEU A 129 -19.54 33.16 -22.21
CA LEU A 129 -18.29 33.28 -21.48
C LEU A 129 -17.17 33.80 -22.37
N ASN A 130 -17.16 33.40 -23.65
CA ASN A 130 -16.11 33.86 -24.57
C ASN A 130 -16.30 35.31 -24.97
N ARG A 131 -17.55 35.75 -25.14
CA ARG A 131 -17.82 37.15 -25.46
C ARG A 131 -17.51 38.07 -24.29
N GLN A 132 -17.67 37.59 -23.06
CA GLN A 132 -17.29 38.41 -21.92
C GLN A 132 -15.83 38.86 -21.97
N LEU A 133 -15.02 38.32 -22.90
CA LEU A 133 -13.57 38.48 -22.88
C LEU A 133 -13.03 39.40 -23.99
N LEU A 134 -13.89 40.08 -24.75
CA LEU A 134 -13.36 40.96 -25.78
C LEU A 134 -12.71 42.19 -25.16
N ARG A 135 -11.87 42.86 -25.95
CA ARG A 135 -11.24 44.11 -25.57
C ARG A 135 -12.11 45.30 -25.95
N ALA A 136 -11.84 46.43 -25.26
CA ALA A 136 -12.60 47.67 -25.34
C ALA A 136 -13.71 47.69 -26.38
N GLU A 137 -13.41 48.13 -27.60
CA GLU A 137 -14.38 48.25 -28.69
C GLU A 137 -14.24 47.12 -29.71
N GLN A 138 -13.92 45.91 -29.24
CA GLN A 138 -13.55 44.83 -30.15
C GLN A 138 -14.73 44.36 -30.98
N ARG A 139 -14.45 44.04 -32.24
CA ARG A 139 -15.39 43.37 -33.12
C ARG A 139 -14.90 41.97 -33.44
N LEU A 140 -15.84 41.04 -33.57
CA LEU A 140 -15.53 39.63 -33.84
C LEU A 140 -15.56 39.33 -35.33
N PRO A 141 -14.62 38.55 -35.87
CA PRO A 141 -14.74 38.12 -37.26
C PRO A 141 -15.76 36.99 -37.38
N GLU A 142 -16.28 36.82 -38.60
CA GLU A 142 -17.38 35.89 -38.82
C GLU A 142 -17.05 34.51 -38.27
N ALA A 143 -18.11 33.81 -37.88
CA ALA A 143 -18.02 32.52 -37.21
C ALA A 143 -18.93 31.53 -37.92
N CYS A 144 -18.62 30.26 -37.75
CA CYS A 144 -19.41 29.19 -38.36
C CYS A 144 -20.10 28.40 -37.25
N ALA A 145 -21.07 27.60 -37.65
CA ALA A 145 -21.90 26.91 -36.67
C ALA A 145 -21.11 25.87 -35.91
N TRP A 146 -21.46 25.68 -34.64
CA TRP A 146 -20.76 24.71 -33.81
C TRP A 146 -20.97 23.29 -34.33
N ASP A 147 -22.14 23.01 -34.88
CA ASP A 147 -22.42 21.72 -35.49
C ASP A 147 -21.97 21.65 -36.94
N ALA A 148 -21.35 22.72 -37.46
CA ALA A 148 -20.76 22.71 -38.78
C ALA A 148 -19.27 22.42 -38.78
N LEU A 149 -18.67 22.30 -37.58
CA LEU A 149 -17.23 22.08 -37.51
C LEU A 149 -16.87 20.75 -38.14
N PRO A 150 -15.66 20.61 -38.69
CA PRO A 150 -15.22 19.34 -39.31
C PRO A 150 -14.63 18.38 -38.27
N VAL A 151 -15.51 17.74 -37.50
CA VAL A 151 -15.10 17.01 -36.32
C VAL A 151 -15.04 15.52 -36.63
N ARG A 152 -14.13 14.84 -35.94
CA ARG A 152 -14.05 13.38 -35.95
C ARG A 152 -13.82 12.98 -34.50
N ALA A 153 -14.76 12.23 -33.94
CA ALA A 153 -14.65 11.83 -32.53
C ALA A 153 -13.55 10.80 -32.36
N VAL A 154 -12.87 10.86 -31.22
CA VAL A 154 -11.85 9.89 -30.85
C VAL A 154 -12.30 9.16 -29.60
N ALA A 155 -11.67 8.00 -29.36
CA ALA A 155 -12.01 7.13 -28.27
C ALA A 155 -10.79 6.89 -27.39
N ASP A 156 -11.05 6.51 -26.14
CA ASP A 156 -9.98 6.20 -25.21
C ASP A 156 -9.02 5.18 -25.81
N GLY A 157 -7.71 5.48 -25.70
CA GLY A 157 -6.66 4.61 -26.19
C GLY A 157 -6.37 4.70 -27.67
N GLU A 158 -7.13 5.46 -28.44
CA GLU A 158 -6.92 5.51 -29.88
C GLU A 158 -5.57 6.13 -30.21
N TRP A 159 -4.92 5.58 -31.23
CA TRP A 159 -3.63 6.07 -31.73
C TRP A 159 -3.89 7.00 -32.90
N LEU A 160 -3.45 8.25 -32.78
CA LEU A 160 -3.65 9.27 -33.82
C LEU A 160 -2.38 9.37 -34.64
N GLU A 161 -2.41 8.80 -35.84
CA GLU A 161 -1.26 8.85 -36.74
C GLU A 161 -1.27 10.20 -37.46
N LEU A 162 -0.89 11.23 -36.71
CA LEU A 162 -0.85 12.58 -37.26
C LEU A 162 0.25 12.71 -38.28
N GLY A 163 1.47 12.28 -37.92
CA GLY A 163 2.59 12.40 -38.81
C GLY A 163 3.58 11.27 -38.61
N PRO A 164 4.52 11.12 -39.55
CA PRO A 164 5.48 10.01 -39.45
C PRO A 164 6.19 9.93 -38.10
N ARG A 165 6.46 11.08 -37.48
CA ARG A 165 7.12 11.14 -36.18
C ARG A 165 6.21 11.73 -35.11
N HIS A 166 4.89 11.77 -35.35
CA HIS A 166 3.91 12.24 -34.39
C HIS A 166 2.79 11.19 -34.34
N ARG A 167 2.94 10.27 -33.39
CA ARG A 167 1.90 9.31 -33.01
C ARG A 167 1.51 9.62 -31.58
N LEU A 168 0.27 10.05 -31.37
CA LEU A 168 -0.23 10.42 -30.05
C LEU A 168 -1.36 9.48 -29.65
N GLN A 169 -1.36 9.09 -28.38
CA GLN A 169 -2.41 8.25 -27.83
C GLN A 169 -3.41 9.12 -27.05
N VAL A 170 -4.68 8.84 -27.24
CA VAL A 170 -5.74 9.48 -26.47
C VAL A 170 -5.93 8.72 -25.17
N ILE A 171 -6.14 9.46 -24.08
CA ILE A 171 -6.38 8.86 -22.77
C ILE A 171 -7.51 9.61 -22.08
N GLU A 172 -8.51 8.87 -21.59
CA GLU A 172 -9.63 9.49 -20.90
C GLU A 172 -9.20 9.98 -19.52
N ALA A 173 -9.51 11.23 -19.22
CA ALA A 173 -9.12 11.87 -17.98
C ALA A 173 -10.30 12.61 -17.36
N HIS A 174 -11.44 11.93 -17.25
CA HIS A 174 -12.62 12.51 -16.63
C HIS A 174 -12.30 12.95 -15.20
N GLY A 175 -13.15 13.82 -14.67
CA GLY A 175 -12.93 14.37 -13.35
C GLY A 175 -13.01 15.88 -13.37
N HIS A 176 -12.09 16.50 -14.10
CA HIS A 176 -12.18 17.94 -14.33
C HIS A 176 -13.51 18.30 -14.98
N SER A 177 -13.88 17.57 -16.03
CA SER A 177 -15.21 17.64 -16.61
C SER A 177 -15.60 16.24 -17.06
N ASP A 178 -16.89 16.05 -17.32
CA ASP A 178 -17.38 14.72 -17.67
C ASP A 178 -16.96 14.26 -19.08
N ASP A 179 -16.04 14.98 -19.73
CA ASP A 179 -15.60 14.66 -21.08
C ASP A 179 -14.09 14.74 -21.28
N HIS A 180 -13.33 15.17 -20.28
CA HIS A 180 -11.94 15.55 -20.48
C HIS A 180 -11.10 14.37 -20.98
N VAL A 181 -10.20 14.67 -21.93
CA VAL A 181 -9.23 13.70 -22.43
C VAL A 181 -7.89 14.40 -22.58
N VAL A 182 -6.82 13.59 -22.57
CA VAL A 182 -5.46 14.10 -22.70
C VAL A 182 -4.75 13.31 -23.80
N PHE A 183 -3.62 13.85 -24.25
CA PHE A 183 -2.89 13.33 -25.41
C PHE A 183 -1.46 13.05 -25.03
N TYR A 184 -0.98 11.84 -25.30
CA TYR A 184 0.37 11.44 -24.95
C TYR A 184 1.16 11.21 -26.23
N ASP A 185 2.13 12.06 -26.50
CA ASP A 185 3.12 11.85 -27.55
C ASP A 185 4.18 10.97 -26.93
N VAL A 186 4.14 9.67 -27.27
CA VAL A 186 4.99 8.71 -26.59
C VAL A 186 6.44 8.77 -27.06
N ARG A 187 6.68 9.24 -28.29
CA ARG A 187 8.04 9.26 -28.81
C ARG A 187 8.91 10.23 -28.01
N ARG A 188 8.37 11.40 -27.69
CA ARG A 188 9.09 12.41 -26.91
C ARG A 188 8.70 12.39 -25.44
N ARG A 189 7.86 11.45 -25.02
CA ARG A 189 7.38 11.39 -23.64
C ARG A 189 6.83 12.75 -23.23
N ARG A 190 5.93 13.27 -24.07
CA ARG A 190 5.36 14.60 -23.94
C ARG A 190 3.86 14.44 -23.72
N LEU A 191 3.34 15.07 -22.67
CA LEU A 191 1.92 14.92 -22.35
C LEU A 191 1.22 16.26 -22.46
N PHE A 192 0.21 16.35 -23.32
CA PHE A 192 -0.75 17.44 -23.31
C PHE A 192 -1.85 17.03 -22.33
N CYS A 193 -1.94 17.71 -21.19
CA CYS A 193 -2.81 17.30 -20.11
C CYS A 193 -3.95 18.28 -19.85
N GLY A 194 -4.03 19.37 -20.61
CA GLY A 194 -5.09 20.36 -20.42
C GLY A 194 -5.22 20.83 -18.98
N ASP A 195 -6.40 20.65 -18.39
CA ASP A 195 -6.66 21.06 -17.02
C ASP A 195 -6.75 19.87 -16.07
N ALA A 196 -6.57 18.64 -16.57
CA ALA A 196 -6.80 17.46 -15.74
C ALA A 196 -5.86 17.39 -14.54
N LEU A 197 -4.73 18.09 -14.59
CA LEU A 197 -3.88 18.24 -13.42
C LEU A 197 -4.18 19.53 -12.65
N GLY A 198 -4.76 20.53 -13.32
CA GLY A 198 -5.14 21.74 -12.64
C GLY A 198 -4.46 22.98 -13.17
N GLU A 199 -4.47 24.04 -12.37
CA GLU A 199 -3.86 25.32 -12.72
C GLU A 199 -2.53 25.43 -12.00
N PHE A 200 -1.43 25.46 -12.77
CA PHE A 200 -0.12 25.48 -12.17
C PHE A 200 0.14 26.84 -11.51
N ASP A 201 0.49 26.81 -10.23
CA ASP A 201 0.77 28.03 -9.48
C ASP A 201 2.13 28.57 -9.90
N GLU A 202 2.11 29.66 -10.66
CA GLU A 202 3.35 30.23 -11.19
C GLU A 202 4.21 30.85 -10.10
N ALA A 203 3.64 31.17 -8.94
CA ALA A 203 4.36 31.85 -7.87
C ALA A 203 4.95 30.91 -6.83
N GLU A 204 4.44 29.69 -6.72
CA GLU A 204 4.88 28.75 -5.70
C GLU A 204 5.45 27.45 -6.25
N GLY A 205 5.03 27.03 -7.44
CA GLY A 205 5.52 25.81 -8.03
C GLY A 205 4.76 24.56 -7.67
N VAL A 206 3.48 24.68 -7.34
CA VAL A 206 2.64 23.55 -6.99
C VAL A 206 1.32 23.67 -7.76
N TRP A 207 0.56 22.58 -7.77
CA TRP A 207 -0.66 22.50 -8.56
C TRP A 207 -1.87 22.97 -7.77
N ARG A 208 -2.76 23.69 -8.44
CA ARG A 208 -4.03 24.09 -7.86
C ARG A 208 -5.10 23.15 -8.39
N PRO A 209 -5.72 22.29 -7.57
CA PRO A 209 -6.68 21.33 -8.10
C PRO A 209 -7.85 22.02 -8.78
N LEU A 210 -8.35 21.40 -9.87
CA LEU A 210 -9.50 21.89 -10.64
C LEU A 210 -10.45 20.70 -10.84
N VAL A 211 -11.25 20.41 -9.82
CA VAL A 211 -12.19 19.28 -9.83
C VAL A 211 -13.58 19.87 -10.00
N PHE A 212 -14.13 19.77 -11.21
CA PHE A 212 -15.41 20.42 -11.52
C PHE A 212 -16.49 19.46 -11.99
N ASP A 213 -16.29 18.14 -11.85
CA ASP A 213 -17.35 17.19 -12.19
C ASP A 213 -17.42 16.05 -11.19
N ASP A 214 -16.29 15.38 -10.95
CA ASP A 214 -16.27 14.20 -10.10
C ASP A 214 -14.88 14.03 -9.53
N MET A 215 -14.78 13.81 -8.22
CA MET A 215 -13.48 13.65 -7.58
C MET A 215 -12.92 12.24 -7.77
N GLU A 216 -13.76 11.22 -7.61
CA GLU A 216 -13.27 9.86 -7.78
C GLU A 216 -12.68 9.66 -9.16
N ALA A 217 -13.33 10.19 -10.20
CA ALA A 217 -12.81 10.06 -11.55
C ALA A 217 -11.54 10.88 -11.74
N TYR A 218 -11.52 12.08 -11.18
CA TYR A 218 -10.31 12.93 -11.22
C TYR A 218 -9.11 12.18 -10.64
N LEU A 219 -9.28 11.61 -9.44
CA LEU A 219 -8.17 10.94 -8.77
C LEU A 219 -7.80 9.64 -9.48
N GLU A 220 -8.79 8.89 -9.96
CA GLU A 220 -8.49 7.66 -10.69
C GLU A 220 -7.74 7.98 -11.99
N SER A 221 -8.07 9.10 -12.64
CA SER A 221 -7.35 9.51 -13.84
C SER A 221 -5.91 9.88 -13.50
N LEU A 222 -5.70 10.66 -12.45
CA LEU A 222 -4.33 10.99 -12.06
C LEU A 222 -3.55 9.74 -11.68
N GLU A 223 -4.22 8.76 -11.06
CA GLU A 223 -3.59 7.48 -10.76
C GLU A 223 -3.14 6.79 -12.03
N ARG A 224 -4.04 6.66 -13.01
CA ARG A 224 -3.68 6.01 -14.27
C ARG A 224 -2.56 6.75 -14.99
N LEU A 225 -2.49 8.07 -14.81
CA LEU A 225 -1.43 8.84 -15.47
C LEU A 225 -0.09 8.72 -14.76
N GLN A 226 -0.09 8.51 -13.44
CA GLN A 226 1.17 8.32 -12.74
C GLN A 226 1.98 7.15 -13.31
N ARG A 227 1.32 6.21 -13.99
CA ARG A 227 1.99 5.01 -14.49
C ARG A 227 2.64 5.19 -15.86
N LEU A 228 2.39 6.31 -16.55
CA LEU A 228 3.01 6.53 -17.84
C LEU A 228 4.53 6.55 -17.67
N PRO A 229 5.27 6.29 -18.75
CA PRO A 229 6.73 6.44 -18.68
C PRO A 229 7.09 7.80 -18.14
N THR A 230 8.27 7.88 -17.50
CA THR A 230 8.73 9.14 -16.95
C THR A 230 8.62 10.24 -18.00
N LEU A 231 7.98 11.35 -17.60
CA LEU A 231 7.74 12.44 -18.52
C LEU A 231 8.95 13.36 -18.60
N LEU A 232 9.25 13.79 -19.83
CA LEU A 232 10.22 14.85 -20.07
C LEU A 232 9.54 16.20 -20.29
N GLN A 233 8.35 16.20 -20.89
CA GLN A 233 7.64 17.43 -21.21
C GLN A 233 6.18 17.28 -20.79
N LEU A 234 5.72 18.24 -19.97
CA LEU A 234 4.36 18.23 -19.44
C LEU A 234 3.74 19.59 -19.77
N ILE A 235 2.63 19.56 -20.50
CA ILE A 235 2.04 20.75 -21.10
C ILE A 235 0.57 20.83 -20.67
N PRO A 236 0.24 21.64 -19.68
CA PRO A 236 -1.17 21.84 -19.32
C PRO A 236 -1.78 22.92 -20.20
N GLY A 237 -3.08 23.12 -20.02
CA GLY A 237 -3.80 24.09 -20.82
C GLY A 237 -3.45 25.53 -20.52
N HIS A 238 -2.79 25.78 -19.38
CA HIS A 238 -2.42 27.13 -18.98
C HIS A 238 -1.01 27.12 -18.41
N GLY A 239 -0.18 28.05 -18.86
CA GLY A 239 1.10 28.33 -18.23
C GLY A 239 2.33 27.88 -18.97
N GLY A 240 2.19 27.20 -20.10
CA GLY A 240 3.34 26.87 -20.92
C GLY A 240 3.76 25.42 -20.85
N LEU A 241 5.06 25.16 -20.90
CA LEU A 241 5.60 23.80 -20.94
C LEU A 241 6.53 23.59 -19.75
N LEU A 242 6.35 22.47 -19.07
CA LEU A 242 7.18 22.08 -17.93
C LEU A 242 8.08 20.92 -18.34
N ARG A 243 9.28 20.88 -17.76
CA ARG A 243 10.27 19.87 -18.12
C ARG A 243 11.05 19.44 -16.89
N GLY A 244 11.79 18.34 -17.05
CA GLY A 244 12.63 17.83 -15.98
C GLY A 244 11.82 17.17 -14.88
N ARG A 245 12.34 17.28 -13.64
CA ARG A 245 11.63 16.72 -12.49
C ARG A 245 10.23 17.29 -12.40
N LEU A 246 10.09 18.60 -12.60
CA LEU A 246 8.79 19.24 -12.45
C LEU A 246 7.71 18.54 -13.28
N ALA A 247 8.04 18.13 -14.49
CA ALA A 247 7.09 17.45 -15.37
C ALA A 247 7.06 15.94 -15.16
N ALA A 248 8.10 15.37 -14.55
CA ALA A 248 8.15 13.93 -14.35
C ALA A 248 7.18 13.50 -13.25
N ASP A 249 7.25 14.15 -12.09
CA ASP A 249 6.37 13.83 -10.97
C ASP A 249 5.10 14.70 -10.96
N GLY A 250 4.71 15.23 -12.13
CA GLY A 250 3.53 16.09 -12.19
C GLY A 250 2.26 15.42 -11.69
N ALA A 251 1.97 14.23 -12.22
CA ALA A 251 0.72 13.55 -11.89
C ALA A 251 0.61 13.27 -10.39
N GLU A 252 1.68 12.70 -9.82
CA GLU A 252 1.69 12.43 -8.38
C GLU A 252 1.51 13.72 -7.60
N SER A 253 2.10 14.82 -8.09
CA SER A 253 1.98 16.09 -7.37
C SER A 253 0.55 16.62 -7.39
N ALA A 254 -0.14 16.48 -8.53
CA ALA A 254 -1.54 16.92 -8.58
C ALA A 254 -2.40 16.08 -7.65
N TYR A 255 -2.20 14.75 -7.67
CA TYR A 255 -2.87 13.87 -6.72
C TYR A 255 -2.67 14.36 -5.28
N THR A 256 -1.41 14.65 -4.93
CA THR A 256 -1.09 15.09 -3.58
C THR A 256 -1.81 16.38 -3.22
N GLU A 257 -1.77 17.37 -4.10
CA GLU A 257 -2.38 18.66 -3.78
C GLU A 257 -3.89 18.54 -3.68
N CYS A 258 -4.50 17.67 -4.48
CA CYS A 258 -5.94 17.44 -4.34
C CYS A 258 -6.26 16.87 -2.97
N LEU A 259 -5.51 15.85 -2.54
CA LEU A 259 -5.78 15.30 -1.20
C LEU A 259 -5.47 16.32 -0.10
N ARG A 260 -4.51 17.22 -0.34
CA ARG A 260 -4.23 18.28 0.63
C ARG A 260 -5.42 19.22 0.78
N LEU A 261 -6.00 19.63 -0.36
CA LEU A 261 -7.21 20.46 -0.28
C LEU A 261 -8.35 19.71 0.40
N CYS A 262 -8.44 18.40 0.16
CA CYS A 262 -9.45 17.60 0.87
C CYS A 262 -9.24 17.71 2.36
N ARG A 263 -8.00 17.57 2.82
CA ARG A 263 -7.72 17.65 4.24
C ARG A 263 -8.06 19.03 4.79
N ARG A 264 -7.74 20.08 4.03
CA ARG A 264 -8.09 21.44 4.45
C ARG A 264 -9.59 21.60 4.60
N LEU A 265 -10.35 21.22 3.57
CA LEU A 265 -11.80 21.36 3.61
C LEU A 265 -12.41 20.58 4.76
N LEU A 266 -12.04 19.30 4.91
CA LEU A 266 -12.63 18.48 5.95
C LEU A 266 -12.29 19.02 7.33
N TRP A 267 -11.04 19.47 7.52
CA TRP A 267 -10.66 20.07 8.79
C TRP A 267 -11.52 21.31 9.07
N ARG A 268 -11.61 22.22 8.10
CA ARG A 268 -12.40 23.43 8.29
C ARG A 268 -13.84 23.11 8.63
N GLN A 269 -14.41 22.08 7.98
CA GLN A 269 -15.79 21.72 8.25
C GLN A 269 -15.96 21.08 9.62
N SER A 270 -14.91 20.41 10.13
CA SER A 270 -15.00 19.87 11.48
C SER A 270 -14.95 20.97 12.54
N MET A 271 -14.51 22.18 12.17
CA MET A 271 -14.64 23.34 13.04
C MET A 271 -15.91 24.14 12.78
N GLY A 272 -16.65 23.84 11.72
CA GLY A 272 -17.92 24.49 11.47
C GLY A 272 -17.95 25.54 10.37
N GLU A 273 -16.96 25.56 9.48
CA GLU A 273 -16.97 26.52 8.39
C GLU A 273 -17.89 26.05 7.26
N SER A 274 -18.39 27.01 6.48
CA SER A 274 -19.23 26.75 5.32
C SER A 274 -18.40 26.72 4.03
N LEU A 275 -19.00 26.16 2.98
CA LEU A 275 -18.32 26.09 1.70
C LEU A 275 -17.95 27.47 1.19
N ASP A 276 -18.89 28.42 1.28
CA ASP A 276 -18.65 29.77 0.79
C ASP A 276 -17.45 30.42 1.49
N GLU A 277 -17.25 30.13 2.77
CA GLU A 277 -16.15 30.73 3.50
C GLU A 277 -14.81 30.32 2.89
N LEU A 278 -14.57 29.02 2.77
CA LEU A 278 -13.32 28.57 2.16
C LEU A 278 -13.26 28.96 0.69
N SER A 279 -14.40 29.08 0.02
CA SER A 279 -14.39 29.57 -1.36
C SER A 279 -13.81 30.97 -1.42
N GLU A 280 -14.24 31.85 -0.52
CA GLU A 280 -13.70 33.21 -0.49
C GLU A 280 -12.21 33.20 -0.11
N GLU A 281 -11.84 32.40 0.89
CA GLU A 281 -10.43 32.29 1.27
C GLU A 281 -9.58 31.85 0.08
N LEU A 282 -9.98 30.76 -0.58
CA LEU A 282 -9.23 30.23 -1.72
C LEU A 282 -9.17 31.24 -2.86
N HIS A 283 -10.30 31.88 -3.16
CA HIS A 283 -10.33 32.88 -4.22
C HIS A 283 -9.31 33.98 -3.94
N ARG A 284 -9.31 34.50 -2.71
CA ARG A 284 -8.39 35.57 -2.35
C ARG A 284 -6.96 35.25 -2.80
N ALA A 285 -6.53 34.01 -2.61
CA ALA A 285 -5.14 33.63 -2.85
C ALA A 285 -4.89 33.03 -4.24
N TRP A 286 -5.94 32.74 -5.01
CA TRP A 286 -5.76 32.12 -6.32
C TRP A 286 -6.26 32.95 -7.49
N GLY A 287 -7.43 33.58 -7.37
CA GLY A 287 -8.06 34.19 -8.53
C GLY A 287 -7.16 35.10 -9.35
N GLY A 288 -6.14 35.68 -8.72
CA GLY A 288 -5.33 36.67 -9.41
C GLY A 288 -4.72 36.21 -10.72
N GLN A 289 -4.45 34.90 -10.84
CA GLN A 289 -3.80 34.40 -12.05
C GLN A 289 -4.72 34.46 -13.27
N SER A 290 -5.99 34.12 -13.10
CA SER A 290 -6.90 33.91 -14.23
C SER A 290 -7.86 35.08 -14.45
N VAL A 291 -7.46 36.30 -14.08
CA VAL A 291 -8.35 37.44 -14.30
C VAL A 291 -8.47 37.79 -15.78
N ASP A 292 -7.46 37.45 -16.60
CA ASP A 292 -7.47 37.87 -17.99
C ASP A 292 -8.48 37.09 -18.83
N PHE A 293 -8.75 35.83 -18.48
CA PHE A 293 -9.63 34.99 -19.29
C PHE A 293 -10.73 34.32 -18.47
N LEU A 294 -10.94 34.75 -17.23
CA LEU A 294 -11.98 34.16 -16.39
C LEU A 294 -12.61 35.24 -15.50
N PRO A 295 -13.88 35.56 -15.71
CA PRO A 295 -14.54 36.52 -14.82
C PRO A 295 -14.48 36.04 -13.38
N GLY A 296 -14.09 36.96 -12.47
CA GLY A 296 -13.85 36.58 -11.09
C GLY A 296 -14.99 35.77 -10.50
N GLU A 297 -16.23 36.10 -10.88
CA GLU A 297 -17.37 35.44 -10.27
C GLU A 297 -17.46 33.98 -10.70
N LEU A 298 -17.12 33.67 -11.95
CA LEU A 298 -17.09 32.26 -12.34
C LEU A 298 -15.98 31.51 -11.62
N HIS A 299 -14.87 32.19 -11.31
CA HIS A 299 -13.81 31.55 -10.53
C HIS A 299 -14.28 31.25 -9.11
N LEU A 300 -14.96 32.22 -8.47
CA LEU A 300 -15.52 31.97 -7.14
C LEU A 300 -16.56 30.85 -7.18
N GLY A 301 -17.42 30.85 -8.20
CA GLY A 301 -18.42 29.81 -8.31
C GLY A 301 -17.81 28.45 -8.55
N SER A 302 -16.71 28.39 -9.28
CA SER A 302 -16.02 27.12 -9.48
C SER A 302 -15.34 26.66 -8.21
N MET A 303 -14.79 27.58 -7.42
CA MET A 303 -14.27 27.22 -6.10
C MET A 303 -15.37 26.62 -5.24
N ARG A 304 -16.55 27.26 -5.23
CA ARG A 304 -17.67 26.72 -4.46
C ARG A 304 -18.10 25.36 -5.00
N ARG A 305 -18.11 25.21 -6.32
CA ARG A 305 -18.52 23.95 -6.94
C ARG A 305 -17.58 22.81 -6.57
N MET A 306 -16.28 23.06 -6.69
CA MET A 306 -15.29 22.04 -6.35
C MET A 306 -15.29 21.75 -4.86
N LEU A 307 -15.52 22.77 -4.03
CA LEU A 307 -15.65 22.54 -2.59
C LEU A 307 -16.91 21.74 -2.27
N GLU A 308 -17.93 21.86 -3.11
CA GLU A 308 -19.12 21.02 -3.01
C GLU A 308 -18.76 19.56 -3.25
N ILE A 309 -18.16 19.29 -4.41
CA ILE A 309 -17.82 17.92 -4.77
C ILE A 309 -16.91 17.29 -3.72
N LEU A 310 -15.86 18.02 -3.31
CA LEU A 310 -14.90 17.46 -2.37
C LEU A 310 -15.59 17.06 -1.07
N SER A 311 -16.43 17.95 -0.53
CA SER A 311 -17.18 17.59 0.67
C SER A 311 -18.07 16.39 0.43
N ARG A 312 -18.54 16.19 -0.80
CA ARG A 312 -19.42 15.06 -1.08
C ARG A 312 -18.67 13.73 -1.09
N GLN A 313 -17.56 13.66 -1.82
CA GLN A 313 -16.90 12.37 -2.10
C GLN A 313 -15.66 12.12 -1.26
N ALA A 314 -15.19 13.08 -0.47
CA ALA A 314 -14.00 12.88 0.33
C ALA A 314 -14.30 11.97 1.52
N LEU A 315 -13.29 11.19 1.90
CA LEU A 315 -13.43 10.29 3.04
C LEU A 315 -13.48 11.11 4.32
N PRO A 316 -14.44 10.88 5.21
CA PRO A 316 -14.46 11.64 6.46
C PRO A 316 -13.33 11.18 7.37
N LEU A 317 -13.18 11.78 8.54
CA LEU A 317 -12.05 11.49 9.42
C LEU A 317 -12.56 10.69 10.61
N ASP A 318 -12.73 9.38 10.39
CA ASP A 318 -13.28 8.50 11.42
C ASP A 318 -12.51 7.18 11.46
N MET A 339 -16.22 2.60 -2.96
CA MET A 339 -15.63 1.27 -2.90
C MET A 339 -14.11 1.37 -2.93
N ARG A 340 -13.46 0.42 -3.61
CA ARG A 340 -12.01 0.44 -3.74
C ARG A 340 -11.54 1.80 -4.24
N ASN A 341 -10.51 2.36 -3.59
CA ASN A 341 -10.14 3.73 -3.90
C ASN A 341 -8.73 4.12 -3.46
N ASP A 342 -8.62 5.15 -2.63
CA ASP A 342 -7.43 5.99 -2.57
C ASP A 342 -6.88 6.14 -1.16
N GLY A 343 -7.74 6.29 -0.16
CA GLY A 343 -7.31 6.56 1.20
C GLY A 343 -6.64 5.41 1.89
N GLY A 344 -5.47 5.00 1.41
CA GLY A 344 -4.71 3.95 2.04
C GLY A 344 -5.01 2.56 1.50
N PHE A 345 -4.09 1.63 1.78
CA PHE A 345 -4.20 0.26 1.32
C PHE A 345 -5.37 -0.47 1.98
N LEU A 346 -5.43 -0.45 3.31
CA LEU A 346 -6.50 -1.14 4.03
C LEU A 346 -7.87 -0.75 3.48
N LEU A 347 -8.01 0.50 3.05
CA LEU A 347 -9.27 0.93 2.46
C LEU A 347 -9.57 0.15 1.19
N TRP A 348 -8.60 0.05 0.29
CA TRP A 348 -8.79 -0.75 -0.92
C TRP A 348 -9.12 -2.19 -0.55
N TRP A 349 -8.49 -2.72 0.48
CA TRP A 349 -8.74 -4.11 0.87
C TRP A 349 -10.19 -4.31 1.29
N ASP A 350 -10.65 -3.55 2.28
CA ASP A 350 -12.03 -3.66 2.73
C ASP A 350 -13.01 -3.38 1.59
N GLY A 351 -12.70 -2.41 0.73
CA GLY A 351 -13.58 -2.10 -0.37
C GLY A 351 -13.70 -3.24 -1.35
N LEU A 352 -12.57 -3.87 -1.69
CA LEU A 352 -12.59 -5.03 -2.57
C LEU A 352 -13.45 -6.14 -1.97
N ARG A 353 -13.22 -6.44 -0.69
CA ARG A 353 -14.02 -7.45 -0.03
C ARG A 353 -15.50 -7.13 -0.12
N SER A 354 -15.87 -5.89 0.25
CA SER A 354 -17.28 -5.50 0.20
C SER A 354 -17.84 -5.57 -1.21
N GLU A 355 -17.01 -5.34 -2.22
CA GLU A 355 -17.50 -5.44 -3.60
C GLU A 355 -17.74 -6.89 -3.97
N MET A 356 -17.04 -7.82 -3.34
CA MET A 356 -17.13 -9.24 -3.71
C MET A 356 -18.09 -10.05 -2.86
N GLN A 357 -18.67 -9.47 -1.79
CA GLN A 357 -19.55 -10.27 -0.93
C GLN A 357 -20.83 -10.66 -1.64
N PRO A 358 -21.62 -9.76 -2.24
CA PRO A 358 -22.92 -10.15 -2.80
C PRO A 358 -22.84 -11.06 -4.00
N ILE A 359 -21.66 -11.31 -4.56
CA ILE A 359 -21.57 -11.98 -5.86
C ILE A 359 -21.98 -13.44 -5.72
N HIS A 360 -22.98 -13.84 -6.49
CA HIS A 360 -23.49 -15.20 -6.53
C HIS A 360 -23.37 -15.78 -7.93
N ASP A 361 -22.51 -15.20 -8.77
CA ASP A 361 -22.29 -15.65 -10.13
C ASP A 361 -20.81 -15.51 -10.46
N SER A 362 -20.19 -16.61 -10.89
CA SER A 362 -18.74 -16.65 -11.03
C SER A 362 -18.24 -15.59 -12.02
N GLN A 363 -18.96 -15.42 -13.13
CA GLN A 363 -18.53 -14.46 -14.15
C GLN A 363 -18.32 -13.07 -13.55
N GLY A 364 -19.18 -12.66 -12.63
CA GLY A 364 -19.00 -11.36 -12.00
C GLY A 364 -17.77 -11.31 -11.12
N VAL A 365 -17.46 -12.41 -10.44
CA VAL A 365 -16.20 -12.51 -9.71
C VAL A 365 -15.03 -12.21 -10.64
N PHE A 366 -14.96 -12.93 -11.76
CA PHE A 366 -13.88 -12.71 -12.71
C PHE A 366 -13.89 -11.28 -13.23
N ALA A 367 -15.08 -10.70 -13.41
CA ALA A 367 -15.17 -9.31 -13.88
C ALA A 367 -14.53 -8.34 -12.89
N VAL A 368 -14.85 -8.50 -11.60
CA VAL A 368 -14.26 -7.62 -10.59
C VAL A 368 -12.75 -7.78 -10.57
N LEU A 369 -12.26 -9.03 -10.66
CA LEU A 369 -10.82 -9.25 -10.70
C LEU A 369 -10.19 -8.52 -11.89
N GLU A 370 -10.79 -8.64 -13.07
CA GLU A 370 -10.29 -7.94 -14.25
C GLU A 370 -10.24 -6.44 -14.02
N LYS A 371 -11.31 -5.88 -13.44
CA LYS A 371 -11.34 -4.44 -13.16
C LYS A 371 -10.12 -4.05 -12.34
N GLU A 372 -9.86 -4.77 -11.26
CA GLU A 372 -8.73 -4.40 -10.41
C GLU A 372 -7.39 -4.63 -11.12
N VAL A 373 -7.29 -5.67 -11.95
CA VAL A 373 -6.04 -5.89 -12.68
C VAL A 373 -5.76 -4.70 -13.61
N ARG A 374 -6.77 -4.25 -14.34
CA ARG A 374 -6.58 -3.08 -15.20
C ARG A 374 -6.24 -1.85 -14.37
N ARG A 375 -6.90 -1.69 -13.22
CA ARG A 375 -6.58 -0.58 -12.33
C ARG A 375 -5.12 -0.65 -11.88
N LEU A 376 -4.54 -1.84 -11.80
CA LEU A 376 -3.13 -1.93 -11.45
C LEU A 376 -2.25 -1.38 -12.56
N GLY A 377 -2.62 -1.64 -13.82
CA GLY A 377 -1.91 -1.07 -14.95
C GLY A 377 -1.54 -2.06 -16.03
N PHE A 378 -2.17 -3.23 -16.04
CA PHE A 378 -1.87 -4.29 -16.99
C PHE A 378 -3.05 -4.51 -17.92
N ASP A 379 -2.79 -5.23 -19.01
CA ASP A 379 -3.76 -5.40 -20.10
C ASP A 379 -4.57 -6.68 -19.98
N TYR A 380 -3.90 -7.81 -19.74
CA TYR A 380 -4.58 -9.09 -19.64
C TYR A 380 -4.18 -9.76 -18.33
N TYR A 381 -4.88 -10.84 -18.00
CA TYR A 381 -4.57 -11.64 -16.83
C TYR A 381 -4.95 -13.08 -17.11
N ALA A 382 -4.55 -13.97 -16.21
CA ALA A 382 -4.87 -15.38 -16.31
C ALA A 382 -4.94 -15.96 -14.90
N TYR A 383 -5.77 -16.99 -14.76
CA TYR A 383 -5.88 -17.75 -13.51
C TYR A 383 -5.82 -19.23 -13.88
N GLY A 384 -4.88 -19.94 -13.29
CA GLY A 384 -4.66 -21.34 -13.60
C GLY A 384 -4.71 -22.19 -12.36
N VAL A 385 -5.18 -23.42 -12.53
CA VAL A 385 -5.23 -24.40 -11.45
C VAL A 385 -4.51 -25.65 -11.93
N ARG A 386 -3.51 -26.07 -11.18
CA ARG A 386 -2.79 -27.32 -11.41
C ARG A 386 -3.16 -28.30 -10.31
N HIS A 387 -3.89 -29.34 -10.72
CA HIS A 387 -4.13 -30.53 -9.91
C HIS A 387 -2.88 -31.40 -9.88
N THR A 388 -2.83 -32.28 -8.88
CA THR A 388 -1.68 -33.15 -8.69
C THR A 388 -1.74 -34.44 -9.50
N ILE A 389 -2.92 -34.81 -10.01
CA ILE A 389 -3.08 -36.08 -10.71
C ILE A 389 -3.77 -35.85 -12.05
N PRO A 390 -3.56 -36.72 -13.06
CA PRO A 390 -2.65 -37.87 -13.09
C PRO A 390 -1.17 -37.49 -12.94
N PHE A 391 -0.41 -38.32 -12.21
CA PHE A 391 0.98 -37.99 -11.93
C PHE A 391 1.79 -37.86 -13.21
N THR A 392 1.48 -38.67 -14.23
CA THR A 392 2.20 -38.57 -15.49
C THR A 392 1.79 -37.30 -16.24
N ARG A 393 0.48 -37.06 -16.34
CA ARG A 393 -0.09 -35.87 -16.98
C ARG A 393 -1.06 -35.19 -16.02
N PRO A 394 -0.56 -34.32 -15.14
CA PRO A 394 -1.47 -33.67 -14.18
C PRO A 394 -2.29 -32.60 -14.88
N LYS A 395 -3.62 -32.70 -14.74
CA LYS A 395 -4.51 -31.73 -15.37
C LYS A 395 -4.19 -30.33 -14.88
N THR A 396 -4.01 -29.40 -15.82
CA THR A 396 -3.82 -27.99 -15.53
C THR A 396 -4.87 -27.22 -16.33
N GLU A 397 -5.90 -26.75 -15.64
CA GLU A 397 -7.00 -26.03 -16.27
C GLU A 397 -6.76 -24.54 -16.13
N VAL A 398 -7.22 -23.78 -17.12
CA VAL A 398 -6.92 -22.35 -17.19
C VAL A 398 -8.15 -21.56 -17.59
N HIS A 399 -8.23 -20.32 -17.10
CA HIS A 399 -9.25 -19.37 -17.49
C HIS A 399 -8.69 -17.96 -17.35
N GLY A 400 -8.92 -17.12 -18.35
CA GLY A 400 -8.34 -15.79 -18.31
C GLY A 400 -8.78 -14.95 -19.47
N THR A 401 -7.97 -13.95 -19.80
CA THR A 401 -8.29 -12.99 -20.85
C THR A 401 -7.10 -12.73 -21.75
N TYR A 402 -6.30 -13.75 -22.00
CA TYR A 402 -5.30 -13.66 -23.06
C TYR A 402 -6.00 -13.78 -24.40
N PRO A 403 -5.31 -13.44 -25.50
CA PRO A 403 -5.93 -13.57 -26.82
C PRO A 403 -6.37 -15.02 -27.08
N LYS A 404 -7.63 -15.17 -27.47
CA LYS A 404 -8.22 -16.50 -27.62
C LYS A 404 -7.37 -17.42 -28.50
N ALA A 405 -6.77 -16.86 -29.56
CA ALA A 405 -5.92 -17.68 -30.41
C ALA A 405 -4.75 -18.24 -29.61
N TRP A 406 -4.22 -17.46 -28.66
CA TRP A 406 -3.19 -17.97 -27.78
C TRP A 406 -3.71 -19.10 -26.91
N LEU A 407 -4.99 -19.07 -26.52
CA LEU A 407 -5.56 -20.20 -25.80
C LEU A 407 -5.61 -21.45 -26.68
N GLU A 408 -6.12 -21.30 -27.90
CA GLU A 408 -6.07 -22.41 -28.86
C GLU A 408 -4.67 -23.00 -28.94
N ARG A 409 -3.67 -22.18 -29.21
CA ARG A 409 -2.31 -22.72 -29.37
C ARG A 409 -1.81 -23.34 -28.07
N TYR A 410 -2.05 -22.67 -26.94
CA TYR A 410 -1.53 -23.12 -25.66
C TYR A 410 -2.05 -24.50 -25.32
N GLN A 411 -3.38 -24.69 -25.38
CA GLN A 411 -3.94 -26.00 -25.09
C GLN A 411 -3.64 -27.01 -26.19
N MET A 412 -3.70 -26.57 -27.45
CA MET A 412 -3.45 -27.47 -28.58
C MET A 412 -2.10 -28.16 -28.45
N GLN A 413 -1.05 -27.40 -28.13
CA GLN A 413 0.28 -27.94 -27.92
C GLN A 413 0.57 -28.20 -26.44
N ASN A 414 -0.48 -28.29 -25.62
CA ASN A 414 -0.36 -28.51 -24.18
C ASN A 414 0.87 -27.83 -23.58
N TYR A 415 1.07 -26.55 -23.87
CA TYR A 415 2.19 -25.83 -23.28
C TYR A 415 2.07 -25.74 -21.76
N GLY A 416 0.88 -25.96 -21.21
CA GLY A 416 0.61 -25.79 -19.79
C GLY A 416 1.27 -26.81 -18.88
N ALA A 417 1.79 -27.91 -19.42
CA ALA A 417 2.45 -28.90 -18.58
C ALA A 417 3.69 -28.33 -17.92
N VAL A 418 4.68 -27.94 -18.73
CA VAL A 418 5.95 -27.43 -18.20
C VAL A 418 6.05 -25.94 -18.52
N ASP A 419 5.08 -25.17 -18.02
CA ASP A 419 5.12 -23.71 -18.12
C ASP A 419 5.83 -23.15 -16.89
N PRO A 420 6.96 -22.45 -17.04
CA PRO A 420 7.73 -22.04 -15.86
C PRO A 420 6.94 -21.20 -14.86
N ALA A 421 6.05 -20.32 -15.32
CA ALA A 421 5.30 -19.48 -14.40
C ALA A 421 4.48 -20.31 -13.42
N ILE A 422 3.90 -21.42 -13.89
CA ILE A 422 3.09 -22.26 -13.00
C ILE A 422 3.99 -23.17 -12.16
N LEU A 423 5.07 -23.70 -12.74
CA LEU A 423 5.88 -24.66 -12.03
C LEU A 423 6.71 -24.02 -10.93
N ASN A 424 7.01 -22.72 -11.04
CA ASN A 424 7.71 -22.04 -9.96
C ASN A 424 6.92 -22.13 -8.66
N GLY A 425 5.60 -22.22 -8.73
CA GLY A 425 4.78 -22.28 -7.53
C GLY A 425 4.91 -23.57 -6.75
N LEU A 426 5.35 -24.65 -7.39
CA LEU A 426 5.57 -25.91 -6.70
C LEU A 426 6.73 -25.83 -5.73
N ARG A 427 7.62 -24.86 -5.94
CA ARG A 427 8.88 -24.77 -5.23
C ARG A 427 9.00 -23.54 -4.35
N SER A 428 8.18 -22.51 -4.58
CA SER A 428 8.34 -21.22 -3.93
C SER A 428 6.96 -20.60 -3.69
N SER A 429 6.89 -19.77 -2.66
CA SER A 429 5.71 -18.97 -2.39
C SER A 429 5.85 -17.54 -2.87
N GLU A 430 6.94 -17.24 -3.59
CA GLU A 430 7.18 -15.91 -4.11
C GLU A 430 6.62 -15.74 -5.52
N MET A 431 6.26 -14.51 -5.84
CA MET A 431 5.88 -14.16 -7.19
C MET A 431 7.09 -14.28 -8.10
N VAL A 432 6.84 -14.55 -9.38
CA VAL A 432 7.88 -14.68 -10.40
C VAL A 432 7.59 -13.64 -11.46
N VAL A 433 8.51 -12.71 -11.66
CA VAL A 433 8.38 -11.72 -12.72
C VAL A 433 8.93 -12.31 -14.01
N TRP A 434 8.17 -12.16 -15.09
CA TRP A 434 8.57 -12.76 -16.36
C TRP A 434 9.87 -12.18 -16.84
N SER A 435 10.78 -13.04 -17.26
CA SER A 435 12.13 -12.63 -17.63
C SER A 435 12.72 -13.70 -18.55
N ASP A 436 13.57 -13.25 -19.47
CA ASP A 436 14.14 -14.19 -20.44
C ASP A 436 14.87 -15.33 -19.75
N SER A 437 15.64 -15.02 -18.70
CA SER A 437 16.38 -16.06 -17.99
C SER A 437 15.46 -17.15 -17.45
N LEU A 438 14.32 -16.75 -16.89
CA LEU A 438 13.38 -17.73 -16.35
C LEU A 438 12.91 -18.72 -17.40
N PHE A 439 12.78 -18.28 -18.65
CA PHE A 439 12.26 -19.09 -19.73
C PHE A 439 13.35 -19.80 -20.52
N ASP A 440 14.58 -19.85 -19.99
CA ASP A 440 15.68 -20.50 -20.71
C ASP A 440 15.35 -21.94 -21.09
N GLN A 441 14.56 -22.64 -20.27
CA GLN A 441 14.22 -24.03 -20.54
C GLN A 441 13.07 -24.18 -21.54
N SER A 442 12.23 -23.15 -21.70
CA SER A 442 11.01 -23.23 -22.53
C SER A 442 11.04 -22.10 -23.57
N ARG A 443 11.88 -22.27 -24.58
CA ARG A 443 12.11 -21.20 -25.56
C ARG A 443 10.87 -20.98 -26.45
N MET A 444 10.23 -22.06 -26.89
CA MET A 444 9.12 -21.92 -27.84
C MET A 444 7.95 -21.18 -27.21
N LEU A 445 7.57 -21.57 -25.99
CA LEU A 445 6.46 -20.92 -25.30
C LEU A 445 6.71 -19.42 -25.16
N TRP A 446 7.92 -19.04 -24.73
CA TRP A 446 8.19 -17.63 -24.53
C TRP A 446 8.16 -16.87 -25.86
N ASN A 447 8.74 -17.43 -26.92
CA ASN A 447 8.69 -16.75 -28.21
C ASN A 447 7.26 -16.54 -28.67
N GLU A 448 6.42 -17.58 -28.56
CA GLU A 448 5.05 -17.44 -29.05
C GLU A 448 4.24 -16.47 -28.19
N ALA A 449 4.40 -16.53 -26.87
CA ALA A 449 3.75 -15.56 -26.00
C ALA A 449 4.18 -14.14 -26.34
N ARG A 450 5.47 -13.95 -26.59
CA ARG A 450 5.96 -12.63 -26.99
C ARG A 450 5.28 -12.18 -28.28
N ASP A 451 5.09 -13.10 -29.23
CA ASP A 451 4.43 -12.74 -30.48
C ASP A 451 3.01 -12.23 -30.27
N TRP A 452 2.32 -12.70 -29.23
CA TRP A 452 0.93 -12.35 -28.99
C TRP A 452 0.76 -11.08 -28.15
N GLY A 453 1.85 -10.35 -27.88
CA GLY A 453 1.80 -9.14 -27.11
C GLY A 453 2.12 -9.30 -25.63
N LEU A 454 2.05 -10.53 -25.12
CA LEU A 454 2.38 -10.81 -23.73
C LEU A 454 3.88 -10.65 -23.48
N CYS A 455 4.39 -9.43 -23.56
CA CYS A 455 5.83 -9.20 -23.48
C CYS A 455 6.31 -8.97 -22.05
N VAL A 456 5.47 -8.39 -21.20
CA VAL A 456 5.80 -8.15 -19.79
C VAL A 456 4.69 -8.75 -18.95
N GLY A 457 5.05 -9.30 -17.80
CA GLY A 457 4.04 -9.86 -16.92
C GLY A 457 4.67 -10.40 -15.65
N ALA A 458 3.80 -10.93 -14.80
CA ALA A 458 4.24 -11.55 -13.55
C ALA A 458 3.25 -12.64 -13.19
N THR A 459 3.68 -13.51 -12.28
CA THR A 459 2.90 -14.69 -11.89
C THR A 459 3.10 -14.94 -10.40
N LEU A 460 1.99 -15.03 -9.67
CA LEU A 460 2.02 -15.37 -8.25
C LEU A 460 1.43 -16.76 -8.04
N PRO A 461 2.06 -17.60 -7.19
CA PRO A 461 1.45 -18.89 -6.86
C PRO A 461 0.99 -18.96 -5.41
N ILE A 462 -0.10 -19.68 -5.15
CA ILE A 462 -0.54 -19.98 -3.80
C ILE A 462 -1.14 -21.38 -3.81
N ARG A 463 -0.96 -22.10 -2.71
CA ARG A 463 -1.47 -23.46 -2.59
C ARG A 463 -2.69 -23.45 -1.68
N ALA A 464 -3.86 -23.74 -2.28
CA ALA A 464 -5.09 -23.88 -1.54
C ALA A 464 -4.93 -24.96 -0.47
N PRO A 465 -5.80 -24.95 0.56
CA PRO A 465 -5.65 -25.92 1.65
C PRO A 465 -5.97 -27.36 1.26
N ASN A 466 -6.15 -27.62 -0.03
CA ASN A 466 -6.47 -28.96 -0.54
C ASN A 466 -5.46 -29.40 -1.59
N ASN A 467 -4.18 -29.05 -1.38
CA ASN A 467 -3.08 -29.55 -2.19
C ASN A 467 -3.19 -29.12 -3.65
N LEU A 468 -3.90 -28.02 -3.92
CA LEU A 468 -4.04 -27.50 -5.27
C LEU A 468 -3.06 -26.35 -5.49
N LEU A 469 -2.53 -26.25 -6.71
CA LEU A 469 -1.63 -25.15 -7.05
C LEU A 469 -2.40 -24.14 -7.87
N SER A 470 -2.75 -23.01 -7.27
CA SER A 470 -3.45 -21.94 -7.96
C SER A 470 -2.45 -20.84 -8.32
N VAL A 471 -2.64 -20.25 -9.50
CA VAL A 471 -1.69 -19.30 -10.05
C VAL A 471 -2.45 -18.13 -10.64
N LEU A 472 -1.90 -16.93 -10.46
CA LEU A 472 -2.51 -15.71 -10.98
C LEU A 472 -1.43 -14.94 -11.75
N SER A 473 -1.65 -14.73 -13.03
CA SER A 473 -0.71 -14.04 -13.89
C SER A 473 -1.33 -12.75 -14.41
N VAL A 474 -0.48 -11.75 -14.61
CA VAL A 474 -0.89 -10.49 -15.22
C VAL A 474 0.12 -10.16 -16.31
N ALA A 475 -0.36 -9.48 -17.36
CA ALA A 475 0.46 -9.26 -18.54
C ALA A 475 0.07 -7.94 -19.19
N ARG A 476 1.05 -7.33 -19.86
CA ARG A 476 0.89 -6.11 -20.62
C ARG A 476 1.78 -6.20 -21.85
N ASP A 477 2.02 -5.08 -22.52
CA ASP A 477 2.62 -5.08 -23.85
C ASP A 477 4.00 -4.45 -23.92
N GLN A 478 4.21 -3.28 -23.31
CA GLN A 478 5.38 -2.47 -23.62
C GLN A 478 6.19 -1.94 -22.44
N GLN A 479 5.69 -2.03 -21.21
CA GLN A 479 6.37 -1.45 -20.05
C GLN A 479 6.95 -2.56 -19.18
N ASN A 480 8.25 -2.50 -18.93
CA ASN A 480 8.89 -3.42 -18.01
C ASN A 480 8.56 -3.06 -16.57
N ILE A 481 8.42 -4.10 -15.73
CA ILE A 481 8.08 -3.92 -14.32
C ILE A 481 9.26 -3.30 -13.58
N SER A 482 9.09 -2.06 -13.11
CA SER A 482 10.07 -1.43 -12.25
C SER A 482 10.02 -2.07 -10.86
N SER A 483 11.15 -2.01 -10.16
CA SER A 483 11.28 -2.73 -8.90
C SER A 483 10.16 -2.33 -7.93
N PHE A 484 9.95 -1.03 -7.77
CA PHE A 484 8.95 -0.56 -6.81
C PHE A 484 7.57 -1.12 -7.15
N GLU A 485 7.15 -0.99 -8.43
CA GLU A 485 5.87 -1.55 -8.83
C GLU A 485 5.85 -3.07 -8.68
N ARG A 486 7.00 -3.72 -8.82
CA ARG A 486 7.05 -5.16 -8.57
C ARG A 486 6.61 -5.46 -7.15
N GLU A 487 7.19 -4.77 -6.18
CA GLU A 487 6.82 -5.01 -4.79
C GLU A 487 5.36 -4.66 -4.53
N GLU A 488 4.87 -3.57 -5.14
CA GLU A 488 3.46 -3.22 -5.02
C GLU A 488 2.55 -4.35 -5.53
N ILE A 489 2.82 -4.80 -6.75
CA ILE A 489 2.06 -5.88 -7.36
C ILE A 489 2.00 -7.07 -6.41
N ARG A 490 3.16 -7.58 -6.00
CA ARG A 490 3.16 -8.78 -5.15
C ARG A 490 2.04 -8.75 -4.12
N LEU A 491 1.93 -7.66 -3.35
CA LEU A 491 0.90 -7.58 -2.33
C LEU A 491 -0.50 -7.58 -2.94
N ARG A 492 -0.73 -6.70 -3.92
CA ARG A 492 -2.09 -6.56 -4.43
C ARG A 492 -2.58 -7.88 -5.04
N LEU A 493 -1.70 -8.55 -5.81
CA LEU A 493 -2.05 -9.84 -6.39
C LEU A 493 -2.24 -10.92 -5.34
N ARG A 494 -1.39 -10.96 -4.31
CA ARG A 494 -1.59 -11.94 -3.26
C ARG A 494 -2.99 -11.81 -2.67
N CYS A 495 -3.36 -10.59 -2.30
CA CYS A 495 -4.69 -10.40 -1.70
C CYS A 495 -5.78 -10.80 -2.68
N MET A 496 -5.65 -10.41 -3.94
CA MET A 496 -6.67 -10.72 -4.93
C MET A 496 -6.85 -12.22 -5.11
N ILE A 497 -5.76 -12.96 -5.28
CA ILE A 497 -5.86 -14.40 -5.52
C ILE A 497 -6.35 -15.12 -4.27
N GLU A 498 -5.89 -14.67 -3.11
CA GLU A 498 -6.33 -15.29 -1.86
C GLU A 498 -7.84 -15.17 -1.72
N LEU A 499 -8.40 -13.99 -2.02
CA LEU A 499 -9.85 -13.82 -1.97
C LEU A 499 -10.56 -14.57 -3.09
N LEU A 500 -9.96 -14.61 -4.28
CA LEU A 500 -10.61 -15.23 -5.43
C LEU A 500 -10.84 -16.72 -5.18
N THR A 501 -9.79 -17.44 -4.78
CA THR A 501 -9.95 -18.87 -4.53
C THR A 501 -11.02 -19.13 -3.48
N GLN A 502 -11.08 -18.29 -2.44
CA GLN A 502 -12.11 -18.43 -1.41
C GLN A 502 -13.50 -18.35 -2.04
N LYS A 503 -13.72 -17.32 -2.86
CA LYS A 503 -15.05 -17.13 -3.45
C LYS A 503 -15.39 -18.25 -4.43
N LEU A 504 -14.40 -18.73 -5.17
CA LEU A 504 -14.67 -19.81 -6.12
C LEU A 504 -14.94 -21.13 -5.40
N THR A 505 -14.34 -21.33 -4.23
CA THR A 505 -14.71 -22.47 -3.41
C THR A 505 -16.13 -22.33 -2.87
N ASP A 506 -16.51 -21.13 -2.43
CA ASP A 506 -17.89 -20.92 -2.00
C ASP A 506 -18.88 -21.10 -3.13
N LEU A 507 -18.45 -20.92 -4.38
CA LEU A 507 -19.34 -21.10 -5.53
C LEU A 507 -19.17 -22.42 -6.24
N GLU A 508 -18.24 -23.27 -5.79
CA GLU A 508 -18.05 -24.61 -6.36
C GLU A 508 -17.91 -24.54 -7.88
N HIS A 509 -16.87 -23.85 -8.33
CA HIS A 509 -16.62 -23.74 -9.75
C HIS A 509 -16.19 -25.09 -10.31
N PRO A 510 -16.48 -25.38 -11.59
CA PRO A 510 -16.06 -26.67 -12.14
C PRO A 510 -14.56 -26.79 -12.32
N MET A 511 -13.89 -25.67 -12.58
CA MET A 511 -12.44 -25.70 -12.76
C MET A 511 -11.72 -26.15 -11.49
N LEU A 512 -12.23 -25.74 -10.33
CA LEU A 512 -11.67 -26.15 -9.04
C LEU A 512 -12.27 -27.42 -8.47
N MET A 513 -13.51 -27.76 -8.84
CA MET A 513 -14.15 -28.92 -8.21
C MET A 513 -13.31 -30.19 -8.33
N SER A 514 -12.29 -30.20 -9.20
CA SER A 514 -11.41 -31.36 -9.36
C SER A 514 -12.19 -32.65 -9.52
N ASN A 515 -12.47 -33.33 -8.41
CA ASN A 515 -13.22 -34.58 -8.43
C ASN A 515 -14.10 -34.62 -7.19
N PRO A 516 -15.42 -34.49 -7.32
CA PRO A 516 -16.26 -34.45 -6.12
C PRO A 516 -16.36 -35.83 -5.52
N VAL A 517 -15.52 -36.12 -4.53
CA VAL A 517 -15.51 -37.42 -3.87
C VAL A 517 -15.67 -37.18 -2.38
N CYS A 518 -16.69 -37.81 -1.80
CA CYS A 518 -16.95 -37.75 -0.39
C CYS A 518 -16.83 -39.16 0.14
N LEU A 519 -16.12 -39.32 1.24
CA LEU A 519 -15.92 -40.62 1.85
C LEU A 519 -16.71 -40.63 3.15
N SER A 520 -17.21 -41.81 3.51
CA SER A 520 -17.90 -41.88 4.78
C SER A 520 -16.87 -41.96 5.90
N HIS A 521 -17.32 -41.63 7.11
CA HIS A 521 -16.40 -41.60 8.24
C HIS A 521 -15.66 -42.93 8.38
N ARG A 522 -16.40 -44.02 8.23
CA ARG A 522 -15.80 -45.35 8.36
C ARG A 522 -14.81 -45.60 7.21
N GLU A 523 -15.24 -45.34 5.97
CA GLU A 523 -14.34 -45.57 4.84
C GLU A 523 -13.13 -44.66 4.92
N ARG A 524 -13.31 -43.43 5.41
CA ARG A 524 -12.16 -42.54 5.51
C ARG A 524 -11.15 -43.05 6.54
N GLU A 525 -11.62 -43.53 7.71
CA GLU A 525 -10.64 -44.06 8.67
C GLU A 525 -10.05 -45.40 8.20
N ILE A 526 -10.83 -46.23 7.51
CA ILE A 526 -10.26 -47.43 6.89
C ILE A 526 -9.12 -47.05 5.95
N LEU A 527 -9.33 -46.04 5.12
CA LEU A 527 -8.27 -45.61 4.21
C LEU A 527 -7.14 -44.94 4.98
N GLN A 528 -7.45 -44.28 6.09
CA GLN A 528 -6.39 -43.71 6.92
C GLN A 528 -5.46 -44.80 7.43
N TRP A 529 -6.02 -45.97 7.76
CA TRP A 529 -5.19 -47.09 8.19
C TRP A 529 -4.45 -47.70 7.00
N THR A 530 -5.16 -47.92 5.89
CA THR A 530 -4.55 -48.58 4.75
C THR A 530 -3.37 -47.78 4.19
N ALA A 531 -3.52 -46.46 4.08
CA ALA A 531 -2.41 -45.63 3.65
C ALA A 531 -1.25 -45.64 4.64
N ASP A 532 -1.46 -46.15 5.84
CA ASP A 532 -0.39 -46.38 6.79
C ASP A 532 0.20 -47.78 6.68
N GLY A 533 -0.31 -48.61 5.76
CA GLY A 533 0.28 -49.90 5.46
C GLY A 533 -0.44 -51.11 6.04
N LYS A 534 -1.58 -50.94 6.69
CA LYS A 534 -2.25 -52.06 7.32
C LYS A 534 -3.00 -52.91 6.29
N SER A 535 -3.01 -54.22 6.53
CA SER A 535 -3.74 -55.17 5.70
C SER A 535 -5.19 -55.31 6.17
N SER A 536 -5.98 -56.00 5.36
CA SER A 536 -7.39 -56.22 5.68
C SER A 536 -7.54 -56.78 7.09
N GLY A 537 -6.71 -57.77 7.44
CA GLY A 537 -6.83 -58.39 8.75
C GLY A 537 -6.52 -57.44 9.89
N GLU A 538 -5.46 -56.64 9.76
CA GLU A 538 -5.12 -55.73 10.85
C GLU A 538 -6.21 -54.68 11.05
N ILE A 539 -6.78 -54.17 9.95
CA ILE A 539 -7.91 -53.25 10.08
C ILE A 539 -9.09 -53.93 10.77
N ALA A 540 -9.43 -55.13 10.32
CA ALA A 540 -10.54 -55.86 10.95
C ALA A 540 -10.32 -55.97 12.45
N ILE A 541 -9.10 -56.30 12.88
CA ILE A 541 -8.79 -56.36 14.30
C ILE A 541 -9.02 -55.00 14.96
N ILE A 542 -8.42 -53.95 14.39
CA ILE A 542 -8.36 -52.66 15.08
C ILE A 542 -9.74 -52.00 15.17
N LEU A 543 -10.51 -52.02 14.09
CA LEU A 543 -11.84 -51.41 14.10
C LEU A 543 -12.90 -52.32 14.69
N SER A 544 -12.55 -53.55 15.07
CA SER A 544 -13.50 -54.48 15.67
C SER A 544 -14.65 -54.78 14.71
N ILE A 545 -14.31 -55.01 13.44
CA ILE A 545 -15.27 -55.47 12.44
C ILE A 545 -14.63 -56.64 11.71
N SER A 546 -15.41 -57.25 10.83
CA SER A 546 -14.96 -58.42 10.11
C SER A 546 -14.08 -58.03 8.94
N GLU A 547 -13.29 -59.00 8.46
CA GLU A 547 -12.43 -58.76 7.30
C GLU A 547 -13.26 -58.64 6.04
N SER A 548 -14.37 -59.38 5.96
CA SER A 548 -15.27 -59.26 4.83
C SER A 548 -15.83 -57.85 4.71
N THR A 549 -16.31 -57.27 5.83
CA THR A 549 -16.76 -55.88 5.82
C THR A 549 -15.66 -54.95 5.33
N VAL A 550 -14.42 -55.17 5.78
CA VAL A 550 -13.33 -54.29 5.42
C VAL A 550 -13.05 -54.35 3.93
N ASN A 551 -13.08 -55.56 3.35
CA ASN A 551 -12.81 -55.68 1.92
C ASN A 551 -13.97 -55.13 1.09
N PHE A 552 -15.21 -55.27 1.57
CA PHE A 552 -16.31 -54.60 0.88
C PHE A 552 -16.17 -53.08 0.92
N HIS A 553 -15.78 -52.54 2.08
CA HIS A 553 -15.49 -51.10 2.15
C HIS A 553 -14.41 -50.72 1.15
N HIS A 554 -13.34 -51.52 1.06
CA HIS A 554 -12.32 -51.27 0.06
C HIS A 554 -12.91 -51.23 -1.34
N LYS A 555 -13.83 -52.16 -1.65
CA LYS A 555 -14.44 -52.21 -2.96
C LYS A 555 -15.27 -50.95 -3.25
N ASN A 556 -16.12 -50.56 -2.31
CA ASN A 556 -16.84 -49.29 -2.42
C ASN A 556 -15.88 -48.14 -2.69
N ILE A 557 -14.83 -48.02 -1.86
CA ILE A 557 -13.89 -46.93 -2.00
C ILE A 557 -13.31 -46.92 -3.42
N GLN A 558 -12.85 -48.09 -3.88
CA GLN A 558 -12.37 -48.19 -5.25
C GLN A 558 -13.39 -47.64 -6.23
N LYS A 559 -14.66 -48.05 -6.06
CA LYS A 559 -15.70 -47.64 -6.99
C LYS A 559 -15.82 -46.12 -7.03
N LYS A 560 -15.67 -45.45 -5.88
CA LYS A 560 -15.79 -43.99 -5.90
C LYS A 560 -14.65 -43.36 -6.69
N PHE A 561 -13.42 -43.82 -6.48
CA PHE A 561 -12.26 -43.25 -7.14
C PHE A 561 -12.12 -43.68 -8.59
N ASP A 562 -13.01 -44.54 -9.09
CA ASP A 562 -12.81 -45.18 -10.38
C ASP A 562 -11.41 -45.77 -10.46
N ALA A 563 -11.06 -46.55 -9.44
CA ALA A 563 -9.73 -47.09 -9.26
C ALA A 563 -9.75 -48.61 -9.38
N PRO A 564 -8.67 -49.23 -9.89
CA PRO A 564 -8.63 -50.69 -10.05
C PRO A 564 -8.10 -51.46 -8.85
N ASN A 565 -7.47 -50.80 -7.89
CA ASN A 565 -6.90 -51.49 -6.73
C ASN A 565 -6.87 -50.51 -5.55
N LYS A 566 -6.26 -50.94 -4.44
CA LYS A 566 -6.19 -50.10 -3.26
C LYS A 566 -5.12 -49.02 -3.37
N THR A 567 -4.08 -49.27 -4.17
CA THR A 567 -2.95 -48.34 -4.25
C THR A 567 -3.37 -47.01 -4.86
N LEU A 568 -4.11 -47.06 -5.97
CA LEU A 568 -4.56 -45.81 -6.59
C LEU A 568 -5.43 -45.01 -5.63
N ALA A 569 -6.35 -45.68 -4.94
CA ALA A 569 -7.21 -44.98 -3.99
C ALA A 569 -6.38 -44.32 -2.91
N ALA A 570 -5.44 -45.06 -2.31
CA ALA A 570 -4.63 -44.49 -1.23
C ALA A 570 -3.81 -43.31 -1.73
N ALA A 571 -3.20 -43.44 -2.90
CA ALA A 571 -2.32 -42.40 -3.39
C ALA A 571 -3.09 -41.14 -3.78
N TYR A 572 -4.24 -41.30 -4.45
CA TYR A 572 -5.03 -40.12 -4.81
C TYR A 572 -5.63 -39.46 -3.57
N ALA A 573 -6.09 -40.25 -2.60
CA ALA A 573 -6.64 -39.67 -1.38
C ALA A 573 -5.56 -38.89 -0.63
N ALA A 574 -4.34 -39.42 -0.59
CA ALA A 574 -3.25 -38.67 0.01
C ALA A 574 -2.98 -37.39 -0.78
N ALA A 575 -3.02 -37.48 -2.12
CA ALA A 575 -2.75 -36.31 -2.95
C ALA A 575 -3.87 -35.28 -2.87
N LEU A 576 -5.10 -35.71 -2.61
CA LEU A 576 -6.23 -34.80 -2.56
C LEU A 576 -6.53 -34.30 -1.14
N GLY A 577 -5.77 -34.74 -0.14
CA GLY A 577 -5.98 -34.26 1.20
C GLY A 577 -7.23 -34.77 1.87
N LEU A 578 -7.76 -35.91 1.42
CA LEU A 578 -8.98 -36.44 2.00
C LEU A 578 -8.72 -37.26 3.25
N ILE A 579 -7.48 -37.68 3.46
CA ILE A 579 -7.12 -38.50 4.61
C ILE A 579 -5.99 -37.85 5.41
N MET B 18 -15.79 16.51 18.72
CA MET B 18 -14.62 17.10 18.02
C MET B 18 -13.64 16.03 17.57
N LEU B 19 -12.72 16.42 16.70
CA LEU B 19 -11.67 15.51 16.24
C LEU B 19 -10.33 15.76 16.89
N ARG B 20 -10.13 16.92 17.52
CA ARG B 20 -8.90 17.24 18.22
C ARG B 20 -9.24 17.57 19.65
N LEU B 21 -8.56 16.91 20.59
CA LEU B 21 -8.75 17.14 22.02
C LEU B 21 -7.63 18.03 22.51
N SER B 22 -7.99 19.20 23.05
CA SER B 22 -7.02 20.26 23.33
C SER B 22 -7.42 21.03 24.58
N ALA B 23 -7.68 20.32 25.68
CA ALA B 23 -8.06 20.96 26.92
C ALA B 23 -7.35 20.29 28.10
N PRO B 24 -6.78 21.06 29.02
CA PRO B 24 -6.21 20.47 30.23
C PRO B 24 -7.23 19.58 30.92
N GLY B 25 -6.73 18.51 31.54
CA GLY B 25 -7.58 17.53 32.19
C GLY B 25 -7.45 16.18 31.53
N GLN B 26 -8.40 15.30 31.85
CA GLN B 26 -8.33 13.94 31.35
C GLN B 26 -8.54 13.93 29.83
N LEU B 27 -7.80 13.06 29.15
CA LEU B 27 -7.93 12.84 27.71
C LEU B 27 -8.40 11.44 27.39
N ASP B 28 -7.98 10.45 28.17
CA ASP B 28 -8.43 9.08 28.05
C ASP B 28 -8.49 8.49 29.45
N ASP B 29 -8.98 7.26 29.56
CA ASP B 29 -9.13 6.65 30.87
C ASP B 29 -7.81 6.46 31.60
N ASP B 30 -6.67 6.72 30.95
CA ASP B 30 -5.37 6.54 31.57
C ASP B 30 -4.44 7.73 31.37
N LEU B 31 -4.92 8.84 30.80
CA LEU B 31 -4.04 9.90 30.32
C LEU B 31 -4.62 11.27 30.66
N CYS B 32 -3.76 12.19 31.07
CA CYS B 32 -4.16 13.55 31.39
C CYS B 32 -3.18 14.55 30.77
N LEU B 33 -3.73 15.69 30.35
CA LEU B 33 -2.93 16.81 29.86
C LEU B 33 -2.79 17.85 30.97
N LEU B 34 -1.55 18.18 31.31
CA LEU B 34 -1.21 19.11 32.38
C LEU B 34 -0.55 20.35 31.79
N GLY B 35 -0.95 21.51 32.30
CA GLY B 35 -0.34 22.76 31.93
C GLY B 35 -0.95 23.41 30.71
N ASP B 36 -0.10 23.97 29.86
CA ASP B 36 -0.52 24.69 28.67
C ASP B 36 -0.60 23.73 27.48
N VAL B 37 -1.73 23.77 26.77
CA VAL B 37 -1.88 22.96 25.57
C VAL B 37 -0.82 23.33 24.54
N GLN B 38 -0.23 24.52 24.66
CA GLN B 38 0.82 24.90 23.73
C GLN B 38 2.10 24.10 23.98
N VAL B 39 2.50 23.99 25.25
CA VAL B 39 3.66 23.19 25.64
C VAL B 39 3.20 22.19 26.70
N PRO B 40 2.36 21.22 26.34
CA PRO B 40 1.73 20.38 27.37
C PRO B 40 2.71 19.37 27.98
N VAL B 41 2.35 18.90 29.16
CA VAL B 41 3.00 17.73 29.76
C VAL B 41 1.95 16.64 29.98
N PHE B 42 2.28 15.41 29.64
CA PHE B 42 1.30 14.33 29.66
C PHE B 42 1.54 13.40 30.84
N LEU B 43 0.45 12.92 31.42
CA LEU B 43 0.45 12.10 32.63
C LEU B 43 -0.23 10.77 32.35
N LEU B 44 0.44 9.68 32.73
CA LEU B 44 -0.05 8.32 32.52
C LEU B 44 -0.22 7.63 33.88
N ARG B 45 -1.39 7.02 34.09
CA ARG B 45 -1.66 6.27 35.32
C ARG B 45 -1.32 4.81 35.06
N LEU B 46 -0.11 4.40 35.47
CA LEU B 46 0.29 3.01 35.26
C LEU B 46 -0.40 2.05 36.21
N GLY B 47 -0.89 2.54 37.35
CA GLY B 47 -1.52 1.66 38.31
C GLY B 47 -2.17 2.46 39.41
N GLU B 48 -2.52 1.74 40.49
CA GLU B 48 -3.19 2.39 41.61
C GLU B 48 -2.32 3.46 42.24
N ALA B 49 -1.03 3.19 42.38
CA ALA B 49 -0.10 4.13 43.00
C ALA B 49 1.18 4.23 42.19
N SER B 50 1.05 4.35 40.86
CA SER B 50 2.20 4.51 39.98
C SER B 50 1.82 5.36 38.79
N TRP B 51 2.63 6.37 38.50
CA TRP B 51 2.35 7.33 37.45
C TRP B 51 3.63 7.64 36.68
N ALA B 52 3.46 8.19 35.48
CA ALA B 52 4.59 8.57 34.64
C ALA B 52 4.28 9.87 33.91
N LEU B 53 5.35 10.56 33.51
CA LEU B 53 5.23 11.81 32.78
C LEU B 53 5.86 11.70 31.40
N VAL B 54 5.44 12.61 30.52
CA VAL B 54 5.93 12.68 29.15
C VAL B 54 6.03 14.16 28.75
N GLU B 55 7.13 14.51 28.07
CA GLU B 55 7.45 15.88 27.68
C GLU B 55 7.94 16.69 28.87
N GLY B 56 9.00 17.48 28.67
CA GLY B 56 9.60 18.27 29.73
C GLY B 56 9.20 19.72 29.73
N GLY B 57 8.41 20.16 28.76
CA GLY B 57 7.85 21.50 28.76
C GLY B 57 8.85 22.61 28.97
N ILE B 58 8.37 23.77 29.43
CA ILE B 58 9.20 24.94 29.64
C ILE B 58 9.24 25.24 31.13
N SER B 59 10.31 25.93 31.53
CA SER B 59 10.51 26.24 32.95
C SER B 59 9.34 27.04 33.52
N ARG B 60 8.85 28.03 32.77
CA ARG B 60 7.97 29.05 33.34
C ARG B 60 6.63 28.49 33.76
N ASP B 61 6.27 27.27 33.33
CA ASP B 61 5.02 26.64 33.74
C ASP B 61 5.15 25.86 35.04
N ALA B 62 6.32 25.90 35.71
CA ALA B 62 6.58 24.99 36.82
C ALA B 62 5.45 25.00 37.85
N GLU B 63 5.05 26.19 38.30
CA GLU B 63 4.03 26.25 39.35
C GLU B 63 2.62 25.98 38.80
N LEU B 64 2.38 26.29 37.53
CA LEU B 64 1.10 25.93 36.92
C LEU B 64 0.96 24.42 36.86
N VAL B 65 1.82 23.76 36.08
CA VAL B 65 1.79 22.31 35.95
C VAL B 65 1.65 21.66 37.32
N TRP B 66 2.55 21.98 38.25
CA TRP B 66 2.53 21.38 39.57
C TRP B 66 1.11 21.39 40.13
N ALA B 67 0.47 22.56 40.13
CA ALA B 67 -0.91 22.67 40.60
C ALA B 67 -1.76 21.53 40.03
N ASP B 68 -1.87 21.50 38.70
CA ASP B 68 -2.69 20.48 38.05
C ASP B 68 -2.27 19.09 38.48
N LEU B 69 -0.97 18.84 38.62
CA LEU B 69 -0.52 17.51 39.03
C LEU B 69 -1.11 17.13 40.38
N CYS B 70 -1.13 18.07 41.33
CA CYS B 70 -1.67 17.76 42.65
C CYS B 70 -3.18 17.50 42.61
N ARG B 71 -3.82 17.74 41.46
CA ARG B 71 -5.23 17.43 41.30
C ARG B 71 -5.47 15.96 40.98
N TRP B 72 -4.48 15.27 40.43
CA TRP B 72 -4.62 13.89 39.99
C TRP B 72 -3.83 12.90 40.84
N VAL B 73 -2.63 13.27 41.28
CA VAL B 73 -1.76 12.38 42.04
C VAL B 73 -1.86 12.75 43.52
N ALA B 74 -2.21 11.77 44.36
CA ALA B 74 -2.30 12.02 45.79
C ALA B 74 -0.91 12.18 46.42
N ASP B 75 0.10 11.53 45.85
CA ASP B 75 1.44 11.52 46.42
C ASP B 75 2.46 11.73 45.31
N PRO B 76 3.30 12.77 45.37
CA PRO B 76 4.27 12.98 44.29
C PRO B 76 5.31 11.88 44.17
N SER B 77 5.52 11.09 45.23
CA SER B 77 6.47 9.99 45.15
C SER B 77 6.01 8.87 44.24
N GLN B 78 4.73 8.84 43.85
CA GLN B 78 4.23 7.80 42.97
C GLN B 78 4.57 8.04 41.50
N VAL B 79 5.14 9.19 41.16
CA VAL B 79 5.65 9.43 39.81
C VAL B 79 7.01 8.78 39.69
N HIS B 80 7.13 7.78 38.82
CA HIS B 80 8.31 6.93 38.77
C HIS B 80 9.16 7.10 37.52
N TYR B 81 8.61 7.62 36.42
CA TYR B 81 9.34 7.78 35.18
C TYR B 81 8.99 9.12 34.56
N TRP B 82 9.97 9.73 33.89
CA TRP B 82 9.77 10.96 33.12
C TRP B 82 10.45 10.77 31.78
N LEU B 83 9.68 10.84 30.70
CA LEU B 83 10.18 10.59 29.36
C LEU B 83 10.44 11.90 28.63
N ILE B 84 11.57 11.96 27.93
CA ILE B 84 12.01 13.17 27.25
C ILE B 84 12.30 12.83 25.80
N THR B 85 11.62 13.50 24.89
CA THR B 85 11.81 13.24 23.46
C THR B 85 13.20 13.70 23.01
N HIS B 86 13.55 14.94 23.28
CA HIS B 86 14.81 15.50 22.80
C HIS B 86 15.18 16.68 23.69
N LYS B 87 16.27 17.36 23.33
CA LYS B 87 16.97 18.27 24.21
C LYS B 87 16.54 19.72 24.08
N HIS B 88 15.71 20.05 23.10
CA HIS B 88 15.28 21.44 22.92
C HIS B 88 14.73 22.01 24.22
N TYR B 89 14.87 23.33 24.38
CA TYR B 89 14.52 23.98 25.63
C TYR B 89 13.05 23.83 25.99
N ASP B 90 12.18 23.58 25.00
CA ASP B 90 10.75 23.51 25.24
C ASP B 90 10.27 22.09 25.49
N HIS B 91 11.21 21.16 25.75
CA HIS B 91 10.85 19.79 26.09
C HIS B 91 11.68 19.25 27.23
N CYS B 92 12.41 20.12 27.95
CA CYS B 92 13.14 19.70 29.13
C CYS B 92 13.28 20.82 30.16
N GLY B 93 12.53 21.92 30.03
CA GLY B 93 12.77 23.08 30.87
C GLY B 93 12.32 22.88 32.31
N LEU B 94 11.34 22.01 32.54
CA LEU B 94 10.81 21.82 33.88
C LEU B 94 11.67 20.92 34.75
N LEU B 95 12.56 20.12 34.15
CA LEU B 95 13.29 19.10 34.89
C LEU B 95 13.97 19.69 36.12
N PRO B 96 14.83 20.70 35.98
CA PRO B 96 15.56 21.20 37.15
C PRO B 96 14.66 21.71 38.25
N TYR B 97 13.40 22.03 37.95
CA TYR B 97 12.50 22.64 38.92
C TYR B 97 11.51 21.66 39.53
N LEU B 98 11.08 20.64 38.80
CA LEU B 98 10.12 19.68 39.33
C LEU B 98 10.75 18.34 39.72
N CYS B 99 11.91 17.99 39.16
CA CYS B 99 12.62 16.81 39.68
C CYS B 99 12.95 16.95 41.16
N PRO B 100 13.35 18.13 41.66
CA PRO B 100 13.52 18.30 43.12
C PRO B 100 12.25 18.01 43.92
N ARG B 101 11.10 17.85 43.26
CA ARG B 101 9.85 17.55 43.95
C ARG B 101 9.33 16.14 43.69
N LEU B 102 9.96 15.38 42.79
CA LEU B 102 9.57 13.99 42.49
C LEU B 102 10.71 13.06 42.89
N PRO B 103 10.77 12.66 44.17
CA PRO B 103 11.96 11.91 44.63
C PRO B 103 12.20 10.61 43.89
N ASN B 104 11.15 9.93 43.42
CA ASN B 104 11.27 8.58 42.89
C ASN B 104 11.30 8.53 41.36
N VAL B 105 11.54 9.65 40.69
CA VAL B 105 11.37 9.71 39.25
C VAL B 105 12.68 9.34 38.56
N GLN B 106 12.56 8.56 37.49
CA GLN B 106 13.64 8.36 36.54
C GLN B 106 13.34 9.16 35.29
N VAL B 107 14.27 10.02 34.89
CA VAL B 107 14.21 10.62 33.56
C VAL B 107 14.70 9.59 32.56
N LEU B 108 14.00 9.45 31.44
CA LEU B 108 14.39 8.52 30.39
C LEU B 108 14.64 9.32 29.13
N ALA B 109 15.85 9.24 28.59
CA ALA B 109 16.15 10.04 27.40
C ALA B 109 17.18 9.33 26.52
N SER B 110 17.29 9.82 25.28
CA SER B 110 18.28 9.28 24.36
C SER B 110 19.68 9.68 24.82
N GLU B 111 20.66 8.82 24.50
CA GLU B 111 22.03 9.06 24.93
C GLU B 111 22.51 10.46 24.58
N ARG B 112 22.27 10.90 23.34
CA ARG B 112 22.67 12.25 22.94
C ARG B 112 22.07 13.30 23.87
N THR B 113 20.81 13.11 24.27
CA THR B 113 20.17 14.07 25.17
C THR B 113 20.90 14.13 26.51
N CYS B 114 21.20 12.95 27.07
CA CYS B 114 21.90 12.89 28.35
C CYS B 114 23.27 13.53 28.25
N GLN B 115 23.95 13.38 27.11
CA GLN B 115 25.24 14.03 26.94
C GLN B 115 25.08 15.55 26.81
N ALA B 116 24.06 16.00 26.08
CA ALA B 116 23.81 17.43 25.98
C ALA B 116 23.58 18.04 27.35
N TRP B 117 22.95 17.29 28.26
CA TRP B 117 22.73 17.79 29.61
C TRP B 117 24.03 17.87 30.42
N LYS B 118 25.12 17.27 29.96
CA LYS B 118 26.40 17.36 30.66
C LYS B 118 27.26 18.51 30.16
N SER B 119 26.99 19.04 28.97
CA SER B 119 27.76 20.14 28.42
C SER B 119 27.21 21.46 28.97
N GLU B 120 28.11 22.30 29.49
CA GLU B 120 27.69 23.59 30.02
C GLU B 120 27.06 24.47 28.95
N SER B 121 27.54 24.38 27.72
CA SER B 121 27.05 25.26 26.65
C SER B 121 25.57 25.00 26.34
N ALA B 122 25.21 23.73 26.16
CA ALA B 122 23.83 23.40 25.81
C ALA B 122 22.87 23.79 26.93
N VAL B 123 23.27 23.54 28.19
CA VAL B 123 22.41 23.91 29.31
C VAL B 123 22.30 25.42 29.41
N ARG B 124 23.35 26.15 29.01
CA ARG B 124 23.27 27.61 29.02
C ARG B 124 22.29 28.13 27.97
N VAL B 125 22.32 27.55 26.77
CA VAL B 125 21.34 27.94 25.76
C VAL B 125 19.92 27.67 26.27
N VAL B 126 19.70 26.46 26.79
CA VAL B 126 18.37 26.11 27.30
C VAL B 126 17.95 27.09 28.39
N GLU B 127 18.87 27.44 29.29
CA GLU B 127 18.52 28.28 30.43
C GLU B 127 18.18 29.70 29.99
N ARG B 128 18.95 30.26 29.06
CA ARG B 128 18.63 31.59 28.55
C ARG B 128 17.27 31.61 27.87
N LEU B 129 17.02 30.63 26.99
CA LEU B 129 15.76 30.63 26.26
C LEU B 129 14.57 30.42 27.20
N ASN B 130 14.74 29.60 28.23
CA ASN B 130 13.65 29.40 29.19
C ASN B 130 13.45 30.63 30.07
N ARG B 131 14.54 31.37 30.37
CA ARG B 131 14.40 32.58 31.17
C ARG B 131 13.65 33.65 30.38
N GLN B 132 13.82 33.67 29.06
CA GLN B 132 13.11 34.64 28.24
C GLN B 132 11.58 34.56 28.38
N LEU B 133 11.04 33.49 28.96
CA LEU B 133 9.60 33.25 28.91
C LEU B 133 8.87 33.46 30.24
N LEU B 134 9.57 33.84 31.30
CA LEU B 134 8.89 34.10 32.56
C LEU B 134 8.15 35.43 32.50
N ARG B 135 7.17 35.58 33.39
CA ARG B 135 6.49 36.86 33.55
C ARG B 135 7.25 37.69 34.57
N ALA B 136 7.06 39.01 34.48
CA ALA B 136 7.83 39.90 35.35
C ALA B 136 7.44 39.79 36.82
N GLU B 137 6.53 38.86 37.13
CA GLU B 137 6.04 38.62 38.48
C GLU B 137 6.59 37.36 39.11
N GLN B 138 6.68 36.28 38.34
CA GLN B 138 7.01 34.98 38.92
C GLN B 138 8.43 34.98 39.46
N ARG B 139 8.62 34.29 40.57
CA ARG B 139 9.92 34.04 41.17
C ARG B 139 10.30 32.59 40.89
N LEU B 140 11.60 32.34 40.83
CA LEU B 140 12.02 31.01 40.43
C LEU B 140 11.96 30.06 41.62
N PRO B 141 11.34 28.89 41.48
CA PRO B 141 11.37 27.89 42.54
C PRO B 141 12.67 27.10 42.51
N GLU B 142 12.95 26.45 43.65
CA GLU B 142 14.23 25.80 43.84
C GLU B 142 14.56 24.87 42.68
N ALA B 143 15.83 24.83 42.28
CA ALA B 143 16.25 24.08 41.10
C ALA B 143 17.54 23.32 41.38
N CYS B 144 17.77 22.26 40.61
CA CYS B 144 18.95 21.43 40.70
C CYS B 144 19.77 21.47 39.41
N ALA B 145 21.02 20.99 39.50
CA ALA B 145 21.96 21.04 38.40
C ALA B 145 21.58 20.06 37.28
N TRP B 146 21.94 20.42 36.05
CA TRP B 146 21.57 19.61 34.89
C TRP B 146 22.29 18.27 34.86
N ASP B 147 23.56 18.22 35.28
CA ASP B 147 24.29 16.96 35.31
C ASP B 147 24.07 16.20 36.61
N ALA B 148 23.21 16.71 37.50
CA ALA B 148 22.81 16.00 38.71
C ALA B 148 21.45 15.31 38.55
N LEU B 149 20.79 15.49 37.41
CA LEU B 149 19.46 14.93 37.22
C LEU B 149 19.49 13.40 37.31
N PRO B 150 18.37 12.78 37.72
CA PRO B 150 18.30 11.31 37.81
C PRO B 150 17.96 10.68 36.47
N VAL B 151 18.95 10.60 35.60
CA VAL B 151 18.74 10.26 34.19
C VAL B 151 19.08 8.80 33.95
N ARG B 152 18.38 8.22 32.97
CA ARG B 152 18.61 6.87 32.47
C ARG B 152 18.52 6.92 30.96
N ALA B 153 19.60 6.53 30.30
CA ALA B 153 19.62 6.48 28.85
C ALA B 153 18.78 5.31 28.36
N VAL B 154 18.08 5.54 27.25
CA VAL B 154 17.32 4.51 26.55
C VAL B 154 17.90 4.38 25.15
N ALA B 155 17.58 3.27 24.50
CA ALA B 155 18.11 2.96 23.19
C ALA B 155 16.98 2.78 22.18
N ASP B 156 17.31 3.01 20.91
CA ASP B 156 16.35 2.79 19.84
C ASP B 156 15.79 1.38 19.94
N GLY B 157 14.46 1.26 19.88
CA GLY B 157 13.83 -0.04 19.95
C GLY B 157 13.69 -0.61 21.34
N GLU B 158 14.21 0.07 22.36
CA GLU B 158 14.19 -0.48 23.71
C GLU B 158 12.75 -0.62 24.20
N TRP B 159 12.49 -1.72 24.90
CA TRP B 159 11.18 -1.99 25.46
C TRP B 159 11.11 -1.50 26.89
N LEU B 160 10.22 -0.55 27.14
CA LEU B 160 10.04 0.04 28.47
C LEU B 160 8.80 -0.58 29.10
N GLU B 161 9.00 -1.53 30.01
CA GLU B 161 7.89 -2.15 30.73
C GLU B 161 7.53 -1.20 31.89
N LEU B 162 6.86 -0.10 31.51
CA LEU B 162 6.50 0.90 32.50
C LEU B 162 5.43 0.38 33.45
N GLY B 163 4.37 -0.20 32.93
CA GLY B 163 3.26 -0.63 33.75
C GLY B 163 2.58 -1.88 33.24
N PRO B 164 1.71 -2.46 34.07
CA PRO B 164 1.05 -3.71 33.67
C PRO B 164 0.36 -3.61 32.31
N ARG B 165 -0.19 -2.44 31.99
CA ARG B 165 -0.82 -2.19 30.71
C ARG B 165 -0.09 -1.11 29.91
N HIS B 166 1.17 -0.85 30.24
CA HIS B 166 1.97 0.15 29.53
C HIS B 166 3.30 -0.49 29.16
N ARG B 167 3.37 -1.04 27.95
CA ARG B 167 4.63 -1.47 27.33
C ARG B 167 4.86 -0.55 26.14
N LEU B 168 5.88 0.29 26.22
CA LEU B 168 6.18 1.27 25.19
C LEU B 168 7.56 0.99 24.60
N GLN B 169 7.66 1.15 23.27
CA GLN B 169 8.93 1.00 22.57
C GLN B 169 9.50 2.37 22.23
N VAL B 170 10.82 2.51 22.39
CA VAL B 170 11.55 3.69 21.96
C VAL B 170 11.89 3.54 20.48
N ILE B 171 11.82 4.63 19.73
CA ILE B 171 12.16 4.62 18.32
C ILE B 171 12.99 5.87 18.03
N GLU B 172 14.17 5.68 17.42
CA GLU B 172 15.02 6.82 17.10
C GLU B 172 14.45 7.58 15.92
N ALA B 173 14.30 8.89 16.06
CA ALA B 173 13.69 9.74 15.05
C ALA B 173 14.54 10.98 14.81
N HIS B 174 15.83 10.79 14.56
CA HIS B 174 16.70 11.92 14.25
C HIS B 174 16.19 12.66 13.03
N GLY B 175 16.66 13.89 12.87
CA GLY B 175 16.21 14.75 11.78
C GLY B 175 15.78 16.11 12.28
N HIS B 176 14.71 16.15 13.07
CA HIS B 176 14.35 17.39 13.74
C HIS B 176 15.50 17.86 14.62
N SER B 177 16.11 16.93 15.37
CA SER B 177 17.36 17.16 16.05
C SER B 177 18.19 15.88 15.96
N ASP B 178 19.49 16.01 16.22
CA ASP B 178 20.39 14.86 16.06
C ASP B 178 20.22 13.81 17.14
N ASP B 179 19.18 13.94 17.98
CA ASP B 179 18.96 13.04 19.10
C ASP B 179 17.51 12.62 19.27
N HIS B 180 16.59 13.16 18.48
CA HIS B 180 15.17 13.01 18.76
C HIS B 180 14.75 11.55 18.77
N VAL B 181 13.89 11.20 19.72
CA VAL B 181 13.30 9.87 19.81
C VAL B 181 11.82 10.03 20.10
N VAL B 182 11.05 8.99 19.77
CA VAL B 182 9.61 8.97 19.96
C VAL B 182 9.24 7.67 20.67
N PHE B 183 8.02 7.64 21.22
CA PHE B 183 7.60 6.53 22.06
C PHE B 183 6.26 5.98 21.59
N TYR B 184 6.20 4.65 21.40
CA TYR B 184 5.00 3.99 20.88
C TYR B 184 4.42 3.04 21.92
N ASP B 185 3.20 3.33 22.38
CA ASP B 185 2.38 2.43 23.18
C ASP B 185 1.68 1.45 22.25
N VAL B 186 2.13 0.20 22.27
CA VAL B 186 1.63 -0.80 21.32
C VAL B 186 0.24 -1.27 21.70
N ARG B 187 -0.10 -1.25 22.99
CA ARG B 187 -1.40 -1.73 23.44
C ARG B 187 -2.53 -0.80 22.97
N ARG B 188 -2.32 0.50 23.09
CA ARG B 188 -3.31 1.50 22.68
C ARG B 188 -3.00 2.09 21.32
N ARG B 189 -1.95 1.61 20.65
CA ARG B 189 -1.55 2.14 19.35
C ARG B 189 -1.46 3.67 19.40
N ARG B 190 -0.75 4.15 20.42
CA ARG B 190 -0.65 5.57 20.72
C ARG B 190 0.80 6.02 20.57
N LEU B 191 1.04 7.08 19.80
CA LEU B 191 2.40 7.52 19.53
C LEU B 191 2.63 8.92 20.08
N PHE B 192 3.60 9.05 20.99
CA PHE B 192 4.15 10.35 21.38
C PHE B 192 5.31 10.66 20.42
N CYS B 193 5.12 11.69 19.60
CA CYS B 193 6.02 11.98 18.49
C CYS B 193 6.77 13.28 18.62
N GLY B 194 6.53 14.06 19.67
CA GLY B 194 7.20 15.34 19.81
C GLY B 194 7.06 16.24 18.60
N ASP B 195 8.19 16.67 18.01
CA ASP B 195 8.19 17.53 16.84
C ASP B 195 8.64 16.82 15.57
N ALA B 196 8.92 15.52 15.62
CA ALA B 196 9.49 14.83 14.46
C ALA B 196 8.58 14.89 13.25
N LEU B 197 7.28 15.14 13.44
CA LEU B 197 6.37 15.39 12.34
C LEU B 197 6.19 16.87 12.05
N GLY B 198 6.46 17.74 13.01
CA GLY B 198 6.37 19.17 12.81
C GLY B 198 5.36 19.84 13.73
N GLU B 199 4.96 21.05 13.37
CA GLU B 199 4.02 21.85 14.15
C GLU B 199 2.66 21.79 13.48
N PHE B 200 1.67 21.23 14.17
CA PHE B 200 0.36 21.02 13.59
C PHE B 200 -0.35 22.35 13.39
N ASP B 201 -0.78 22.62 12.16
CA ASP B 201 -1.45 23.87 11.82
C ASP B 201 -2.88 23.83 12.36
N GLU B 202 -3.14 24.59 13.41
CA GLU B 202 -4.44 24.56 14.06
C GLU B 202 -5.55 25.15 13.19
N ALA B 203 -5.21 25.98 12.21
CA ALA B 203 -6.20 26.64 11.38
C ALA B 203 -6.46 25.92 10.06
N GLU B 204 -5.55 25.06 9.61
CA GLU B 204 -5.68 24.39 8.32
C GLU B 204 -5.74 22.87 8.43
N GLY B 205 -5.13 22.27 9.44
CA GLY B 205 -5.16 20.83 9.58
C GLY B 205 -4.06 20.11 8.84
N VAL B 206 -2.92 20.76 8.62
CA VAL B 206 -1.78 20.18 7.91
C VAL B 206 -0.52 20.43 8.72
N TRP B 207 0.53 19.72 8.35
CA TRP B 207 1.79 19.75 9.10
C TRP B 207 2.72 20.83 8.56
N ARG B 208 3.38 21.53 9.49
CA ARG B 208 4.41 22.49 9.16
C ARG B 208 5.76 21.86 9.46
N PRO B 209 6.60 21.60 8.46
CA PRO B 209 7.87 20.90 8.75
C PRO B 209 8.73 21.68 9.73
N LEU B 210 9.45 20.94 10.57
CA LEU B 210 10.40 21.50 11.56
C LEU B 210 11.71 20.71 11.41
N VAL B 211 12.50 21.07 10.41
CA VAL B 211 13.77 20.41 10.12
C VAL B 211 14.88 21.33 10.60
N PHE B 212 15.48 21.00 11.75
CA PHE B 212 16.47 21.86 12.37
C PHE B 212 17.82 21.18 12.56
N ASP B 213 18.01 19.99 11.98
CA ASP B 213 19.30 19.30 12.05
C ASP B 213 19.66 18.64 10.73
N ASP B 214 18.76 17.79 10.23
CA ASP B 214 19.06 16.98 9.06
C ASP B 214 17.76 16.62 8.37
N MET B 215 17.70 16.82 7.05
CA MET B 215 16.48 16.51 6.32
C MET B 215 16.38 15.03 6.00
N GLU B 216 17.48 14.41 5.55
CA GLU B 216 17.43 12.98 5.25
C GLU B 216 17.02 12.18 6.49
N ALA B 217 17.56 12.54 7.66
CA ALA B 217 17.21 11.81 8.87
C ALA B 217 15.76 12.08 9.25
N TYR B 218 15.31 13.33 9.10
CA TYR B 218 13.91 13.67 9.33
C TYR B 218 12.98 12.80 8.49
N LEU B 219 13.24 12.72 7.19
CA LEU B 219 12.37 11.98 6.29
C LEU B 219 12.46 10.48 6.52
N GLU B 220 13.66 9.95 6.78
CA GLU B 220 13.77 8.53 7.10
C GLU B 220 13.07 8.20 8.40
N SER B 221 13.08 9.12 9.37
CA SER B 221 12.35 8.92 10.60
C SER B 221 10.86 8.83 10.34
N LEU B 222 10.34 9.77 9.53
CA LEU B 222 8.92 9.69 9.18
C LEU B 222 8.61 8.41 8.42
N GLU B 223 9.55 7.92 7.60
CA GLU B 223 9.37 6.64 6.93
C GLU B 223 9.25 5.50 7.93
N ARG B 224 10.22 5.40 8.86
CA ARG B 224 10.16 4.35 9.87
C ARG B 224 8.91 4.45 10.71
N LEU B 225 8.36 5.65 10.87
CA LEU B 225 7.15 5.79 11.67
C LEU B 225 5.91 5.40 10.88
N GLN B 226 5.91 5.60 9.56
CA GLN B 226 4.80 5.11 8.74
C GLN B 226 4.64 3.59 8.85
N ARG B 227 5.68 2.89 9.30
CA ARG B 227 5.64 1.43 9.34
C ARG B 227 4.92 0.89 10.56
N LEU B 228 4.60 1.74 11.54
CA LEU B 228 3.86 1.31 12.71
C LEU B 228 2.45 0.86 12.31
N PRO B 229 1.81 0.03 13.14
CA PRO B 229 0.38 -0.26 12.95
C PRO B 229 -0.46 1.02 12.90
N THR B 230 -1.63 0.95 12.26
CA THR B 230 -2.50 2.12 12.18
C THR B 230 -2.66 2.78 13.54
N LEU B 231 -2.43 4.10 13.58
CA LEU B 231 -2.49 4.85 14.82
C LEU B 231 -3.93 5.26 15.14
N LEU B 232 -4.29 5.16 16.42
CA LEU B 232 -5.53 5.73 16.93
C LEU B 232 -5.32 7.09 17.60
N GLN B 233 -4.20 7.28 18.27
CA GLN B 233 -3.91 8.49 19.02
C GLN B 233 -2.51 8.97 18.71
N LEU B 234 -2.40 10.24 18.33
CA LEU B 234 -1.14 10.85 17.90
C LEU B 234 -0.91 12.10 18.74
N ILE B 235 0.24 12.16 19.40
CA ILE B 235 0.49 13.19 20.41
C ILE B 235 1.78 13.93 20.07
N PRO B 236 1.70 15.11 19.44
CA PRO B 236 2.91 15.90 19.20
C PRO B 236 3.30 16.79 20.37
N GLY B 237 4.45 17.46 20.26
CA GLY B 237 4.91 18.34 21.32
C GLY B 237 4.10 19.60 21.50
N HIS B 238 3.29 19.96 20.51
CA HIS B 238 2.47 21.17 20.57
C HIS B 238 1.08 20.85 20.02
N GLY B 239 0.05 21.25 20.77
CA GLY B 239 -1.30 21.28 20.24
C GLY B 239 -2.24 20.19 20.73
N GLY B 240 -1.77 19.23 21.51
CA GLY B 240 -2.68 18.25 22.09
C GLY B 240 -2.65 16.87 21.47
N LEU B 241 -3.81 16.23 21.36
CA LEU B 241 -3.94 14.86 20.88
C LEU B 241 -4.83 14.82 19.65
N LEU B 242 -4.39 14.10 18.62
CA LEU B 242 -5.13 13.89 17.39
C LEU B 242 -5.64 12.46 17.33
N ARG B 243 -6.82 12.29 16.72
CA ARG B 243 -7.47 10.99 16.64
C ARG B 243 -8.11 10.87 15.26
N GLY B 244 -8.51 9.64 14.93
CA GLY B 244 -9.15 9.41 13.65
C GLY B 244 -8.16 9.47 12.50
N ARG B 245 -8.65 9.93 11.35
CA ARG B 245 -7.82 10.00 10.15
C ARG B 245 -6.55 10.79 10.41
N LEU B 246 -6.66 11.92 11.12
CA LEU B 246 -5.50 12.75 11.38
C LEU B 246 -4.35 11.93 11.96
N ALA B 247 -4.66 10.96 12.82
CA ALA B 247 -3.62 10.18 13.45
C ALA B 247 -3.17 8.99 12.61
N ALA B 248 -3.99 8.55 11.66
CA ALA B 248 -3.62 7.41 10.84
C ALA B 248 -2.56 7.78 9.80
N ASP B 249 -2.81 8.82 9.02
CA ASP B 249 -1.87 9.26 7.99
C ASP B 249 -0.95 10.39 8.48
N GLY B 250 -0.71 10.49 9.78
CA GLY B 250 0.10 11.59 10.28
C GLY B 250 1.47 11.62 9.65
N ALA B 251 2.19 10.50 9.72
CA ALA B 251 3.54 10.43 9.17
C ALA B 251 3.54 10.68 7.67
N GLU B 252 2.62 10.04 6.96
CA GLU B 252 2.51 10.22 5.51
C GLU B 252 2.28 11.68 5.15
N SER B 253 1.39 12.35 5.88
CA SER B 253 1.10 13.75 5.57
C SER B 253 2.28 14.66 5.91
N ALA B 254 2.98 14.38 7.01
CA ALA B 254 4.15 15.18 7.36
C ALA B 254 5.24 15.04 6.30
N TYR B 255 5.51 13.80 5.87
CA TYR B 255 6.42 13.54 4.77
C TYR B 255 6.04 14.36 3.54
N THR B 256 4.76 14.31 3.18
CA THR B 256 4.28 15.02 2.00
C THR B 256 4.49 16.52 2.12
N GLU B 257 4.14 17.10 3.28
CA GLU B 257 4.25 18.54 3.43
C GLU B 257 5.71 19.00 3.45
N CYS B 258 6.61 18.16 3.99
CA CYS B 258 8.03 18.47 3.92
C CYS B 258 8.48 18.55 2.46
N LEU B 259 8.10 17.56 1.65
CA LEU B 259 8.49 17.61 0.25
C LEU B 259 7.82 18.77 -0.49
N ARG B 260 6.63 19.18 -0.05
CA ARG B 260 5.97 20.34 -0.64
C ARG B 260 6.77 21.61 -0.38
N LEU B 261 7.21 21.79 0.87
CA LEU B 261 8.08 22.92 1.17
C LEU B 261 9.38 22.86 0.38
N CYS B 262 9.91 21.65 0.19
CA CYS B 262 11.13 21.49 -0.61
C CYS B 262 10.93 22.02 -2.02
N ARG B 263 9.85 21.61 -2.67
CA ARG B 263 9.61 22.06 -4.05
C ARG B 263 9.31 23.56 -4.09
N ARG B 264 8.58 24.09 -3.11
CA ARG B 264 8.36 25.53 -3.07
C ARG B 264 9.69 26.27 -3.05
N LEU B 265 10.58 25.87 -2.13
CA LEU B 265 11.88 26.50 -2.00
C LEU B 265 12.67 26.39 -3.31
N LEU B 266 12.72 25.19 -3.89
CA LEU B 266 13.52 25.00 -5.10
C LEU B 266 12.99 25.84 -6.26
N TRP B 267 11.65 25.91 -6.40
CA TRP B 267 11.07 26.75 -7.44
C TRP B 267 11.44 28.21 -7.25
N ARG B 268 11.22 28.74 -6.04
CA ARG B 268 11.55 30.14 -5.78
C ARG B 268 13.03 30.41 -6.03
N GLN B 269 13.91 29.46 -5.68
CA GLN B 269 15.34 29.65 -5.94
C GLN B 269 15.64 29.57 -7.43
N SER B 270 14.84 28.80 -8.19
CA SER B 270 15.01 28.77 -9.64
C SER B 270 14.51 30.05 -10.28
N MET B 271 13.72 30.84 -9.56
CA MET B 271 13.38 32.18 -10.04
C MET B 271 14.36 33.25 -9.58
N GLY B 272 15.26 32.92 -8.66
CA GLY B 272 16.27 33.86 -8.21
C GLY B 272 16.00 34.48 -6.86
N GLU B 273 15.07 33.93 -6.09
CA GLU B 273 14.79 34.46 -4.76
C GLU B 273 15.83 33.97 -3.76
N SER B 274 15.99 34.73 -2.69
CA SER B 274 16.87 34.33 -1.61
C SER B 274 16.06 33.59 -0.55
N LEU B 275 16.77 32.82 0.28
CA LEU B 275 16.09 32.15 1.39
C LEU B 275 15.41 33.16 2.29
N ASP B 276 16.01 34.34 2.49
CA ASP B 276 15.42 35.34 3.38
C ASP B 276 13.98 35.65 3.00
N GLU B 277 13.69 35.70 1.70
CA GLU B 277 12.35 36.04 1.23
C GLU B 277 11.33 35.03 1.72
N LEU B 278 11.54 33.75 1.41
CA LEU B 278 10.61 32.72 1.85
C LEU B 278 10.64 32.55 3.36
N SER B 279 11.77 32.82 4.01
CA SER B 279 11.85 32.76 5.46
C SER B 279 10.92 33.77 6.10
N GLU B 280 10.97 35.02 5.61
CA GLU B 280 10.08 36.06 6.12
C GLU B 280 8.63 35.73 5.81
N GLU B 281 8.36 35.19 4.62
CA GLU B 281 7.01 34.75 4.28
C GLU B 281 6.51 33.72 5.30
N LEU B 282 7.31 32.68 5.55
CA LEU B 282 6.91 31.65 6.50
C LEU B 282 6.73 32.21 7.88
N HIS B 283 7.63 33.08 8.33
CA HIS B 283 7.43 33.72 9.63
C HIS B 283 6.09 34.44 9.68
N ARG B 284 5.84 35.31 8.71
CA ARG B 284 4.60 36.07 8.67
C ARG B 284 3.38 35.16 8.80
N ALA B 285 3.39 34.02 8.11
CA ALA B 285 2.19 33.18 8.06
C ALA B 285 2.15 32.06 9.10
N TRP B 286 3.23 31.81 9.83
CA TRP B 286 3.28 30.71 10.79
C TRP B 286 3.60 31.16 12.21
N GLY B 287 4.58 32.05 12.39
CA GLY B 287 5.09 32.34 13.72
C GLY B 287 4.02 32.65 14.75
N GLY B 288 2.88 33.16 14.30
CA GLY B 288 1.85 33.58 15.23
C GLY B 288 1.45 32.47 16.18
N GLN B 289 1.58 31.21 15.75
CA GLN B 289 1.16 30.09 16.57
C GLN B 289 2.06 29.94 17.80
N SER B 290 3.37 30.13 17.63
CA SER B 290 4.35 29.87 18.68
C SER B 290 4.87 31.15 19.31
N VAL B 291 4.06 32.22 19.32
CA VAL B 291 4.50 33.47 19.93
C VAL B 291 4.56 33.34 21.45
N ASP B 292 3.75 32.45 22.03
CA ASP B 292 3.68 32.35 23.47
C ASP B 292 4.91 31.68 24.07
N PHE B 293 5.56 30.79 23.31
CA PHE B 293 6.69 30.02 23.82
C PHE B 293 7.93 30.10 22.93
N LEU B 294 7.95 31.02 21.96
CA LEU B 294 9.11 31.15 21.07
C LEU B 294 9.30 32.61 20.67
N PRO B 295 10.38 33.26 21.08
CA PRO B 295 10.63 34.64 20.62
C PRO B 295 10.65 34.71 19.11
N GLY B 296 9.90 35.69 18.57
CA GLY B 296 9.69 35.76 17.14
C GLY B 296 10.97 35.65 16.32
N GLU B 297 12.06 36.23 16.82
CA GLU B 297 13.30 36.23 16.05
C GLU B 297 13.89 34.84 15.93
N LEU B 298 13.74 34.02 16.98
CA LEU B 298 14.16 32.63 16.86
C LEU B 298 13.27 31.87 15.89
N HIS B 299 12.00 32.24 15.76
CA HIS B 299 11.15 31.60 14.75
C HIS B 299 11.64 31.94 13.35
N LEU B 300 11.95 33.21 13.10
CA LEU B 300 12.49 33.58 11.78
C LEU B 300 13.82 32.86 11.54
N GLY B 301 14.69 32.81 12.55
CA GLY B 301 15.97 32.15 12.37
C GLY B 301 15.85 30.65 12.15
N SER B 302 14.87 30.01 12.80
CA SER B 302 14.64 28.58 12.59
C SER B 302 14.05 28.31 11.22
N MET B 303 13.16 29.21 10.74
CA MET B 303 12.71 29.09 9.36
C MET B 303 13.89 29.18 8.40
N ARG B 304 14.81 30.12 8.65
CA ARG B 304 15.98 30.25 7.80
C ARG B 304 16.88 29.01 7.87
N ARG B 305 17.04 28.45 9.07
CA ARG B 305 17.85 27.24 9.23
C ARG B 305 17.24 26.07 8.48
N MET B 306 15.92 25.89 8.60
CA MET B 306 15.26 24.80 7.89
C MET B 306 15.32 24.99 6.39
N LEU B 307 15.17 26.23 5.91
CA LEU B 307 15.27 26.47 4.48
C LEU B 307 16.70 26.29 3.98
N GLU B 308 17.71 26.59 4.81
CA GLU B 308 19.08 26.28 4.45
C GLU B 308 19.30 24.78 4.32
N ILE B 309 18.91 24.01 5.35
CA ILE B 309 19.07 22.57 5.30
C ILE B 309 18.38 22.01 4.05
N LEU B 310 17.14 22.44 3.82
CA LEU B 310 16.38 21.96 2.67
C LEU B 310 17.09 22.32 1.35
N SER B 311 17.52 23.58 1.21
CA SER B 311 18.25 23.97 0.01
C SER B 311 19.53 23.15 -0.14
N ARG B 312 20.09 22.69 0.96
CA ARG B 312 21.32 21.91 0.89
C ARG B 312 21.06 20.51 0.37
N GLN B 313 20.03 19.84 0.89
CA GLN B 313 19.86 18.42 0.64
C GLN B 313 18.76 18.09 -0.36
N ALA B 314 17.99 19.06 -0.82
CA ALA B 314 16.89 18.77 -1.72
C ALA B 314 17.41 18.33 -3.08
N LEU B 315 16.67 17.40 -3.71
CA LEU B 315 17.08 16.87 -5.00
C LEU B 315 16.88 17.93 -6.09
N PRO B 316 17.90 18.23 -6.90
CA PRO B 316 17.74 19.24 -7.94
C PRO B 316 16.94 18.71 -9.13
N LEU B 317 16.68 19.62 -10.07
CA LEU B 317 15.87 19.33 -11.24
C LEU B 317 16.75 19.44 -12.49
N ASP B 318 16.12 19.25 -13.66
CA ASP B 318 16.87 19.22 -14.92
C ASP B 318 16.16 20.05 -15.99
N GLY B 343 -0.44 3.07 1.92
CA GLY B 343 0.95 3.21 1.54
C GLY B 343 1.92 2.90 2.67
N GLY B 344 1.43 3.02 3.91
CA GLY B 344 2.26 2.70 5.06
C GLY B 344 2.55 1.22 5.18
N PHE B 345 1.59 0.38 4.78
CA PHE B 345 1.77 -1.07 4.86
C PHE B 345 2.92 -1.51 3.98
N LEU B 346 2.94 -1.03 2.73
CA LEU B 346 4.02 -1.35 1.81
C LEU B 346 5.38 -1.02 2.41
N LEU B 347 5.46 0.09 3.16
CA LEU B 347 6.70 0.45 3.86
C LEU B 347 7.04 -0.57 4.94
N TRP B 348 6.05 -0.97 5.74
CA TRP B 348 6.29 -2.00 6.74
C TRP B 348 6.85 -3.27 6.09
N TRP B 349 6.28 -3.63 4.94
CA TRP B 349 6.71 -4.82 4.23
C TRP B 349 8.17 -4.71 3.80
N ASP B 350 8.50 -3.62 3.11
CA ASP B 350 9.87 -3.42 2.67
C ASP B 350 10.83 -3.48 3.85
N GLY B 351 10.45 -2.90 4.99
CA GLY B 351 11.32 -2.91 6.15
C GLY B 351 11.53 -4.32 6.70
N LEU B 352 10.45 -5.08 6.84
CA LEU B 352 10.58 -6.45 7.35
C LEU B 352 11.45 -7.30 6.44
N ARG B 353 11.21 -7.25 5.12
CA ARG B 353 12.07 -8.01 4.21
C ARG B 353 13.54 -7.61 4.37
N SER B 354 13.81 -6.30 4.35
CA SER B 354 15.19 -5.86 4.50
C SER B 354 15.79 -6.36 5.80
N GLU B 355 14.97 -6.50 6.84
CA GLU B 355 15.46 -7.01 8.11
C GLU B 355 15.72 -8.52 8.06
N MET B 356 14.96 -9.27 7.28
CA MET B 356 15.04 -10.73 7.35
C MET B 356 15.91 -11.37 6.29
N GLN B 357 16.29 -10.67 5.23
CA GLN B 357 17.17 -11.32 4.24
C GLN B 357 18.57 -11.55 4.79
N PRO B 358 19.25 -10.56 5.38
CA PRO B 358 20.65 -10.76 5.77
C PRO B 358 20.85 -11.80 6.87
N ILE B 359 19.80 -12.21 7.57
CA ILE B 359 19.92 -13.14 8.68
C ILE B 359 20.09 -14.55 8.14
N HIS B 360 21.15 -15.25 8.56
CA HIS B 360 21.37 -16.63 8.16
C HIS B 360 21.40 -17.60 9.34
N ASP B 361 20.75 -17.23 10.45
CA ASP B 361 20.67 -18.09 11.63
C ASP B 361 19.26 -18.03 12.19
N SER B 362 18.64 -19.20 12.35
CA SER B 362 17.19 -19.29 12.59
C SER B 362 16.76 -18.55 13.86
N GLN B 363 17.56 -18.65 14.93
CA GLN B 363 17.19 -18.02 16.19
C GLN B 363 16.86 -16.54 15.99
N GLY B 364 17.62 -15.85 15.13
CA GLY B 364 17.35 -14.45 14.87
C GLY B 364 16.06 -14.23 14.08
N VAL B 365 15.74 -15.15 13.17
CA VAL B 365 14.46 -15.10 12.48
C VAL B 365 13.32 -15.09 13.49
N PHE B 366 13.32 -16.08 14.39
CA PHE B 366 12.27 -16.14 15.40
C PHE B 366 12.27 -14.88 16.26
N ALA B 367 13.45 -14.33 16.53
CA ALA B 367 13.53 -13.09 17.32
C ALA B 367 12.82 -11.93 16.62
N VAL B 368 13.06 -11.77 15.32
CA VAL B 368 12.37 -10.71 14.57
C VAL B 368 10.86 -10.92 14.64
N LEU B 369 10.42 -12.18 14.52
CA LEU B 369 8.99 -12.46 14.65
C LEU B 369 8.45 -11.93 15.97
N GLU B 370 9.16 -12.22 17.08
CA GLU B 370 8.76 -11.68 18.37
C GLU B 370 8.67 -10.16 18.34
N LYS B 371 9.69 -9.50 17.76
CA LYS B 371 9.69 -8.04 17.74
C LYS B 371 8.41 -7.50 17.12
N GLU B 372 8.05 -8.00 15.93
CA GLU B 372 6.88 -7.46 15.25
C GLU B 372 5.60 -7.82 15.98
N VAL B 373 5.53 -9.01 16.56
CA VAL B 373 4.32 -9.41 17.28
C VAL B 373 4.08 -8.47 18.46
N ARG B 374 5.12 -8.23 19.26
CA ARG B 374 4.94 -7.32 20.39
C ARG B 374 4.64 -5.90 19.91
N ARG B 375 5.28 -5.46 18.82
CA ARG B 375 4.98 -4.15 18.30
C ARG B 375 3.51 -4.00 17.94
N LEU B 376 2.86 -5.08 17.51
CA LEU B 376 1.43 -4.99 17.20
C LEU B 376 0.59 -4.80 18.45
N GLY B 377 0.98 -5.44 19.56
CA GLY B 377 0.28 -5.26 20.81
C GLY B 377 -0.04 -6.56 21.53
N PHE B 378 0.67 -7.63 21.17
CA PHE B 378 0.45 -8.94 21.74
C PHE B 378 1.66 -9.38 22.56
N ASP B 379 1.46 -10.41 23.37
CA ASP B 379 2.45 -10.85 24.35
C ASP B 379 3.26 -12.06 23.89
N TYR B 380 2.61 -13.10 23.38
CA TYR B 380 3.32 -14.30 22.94
C TYR B 380 2.88 -14.68 21.53
N TYR B 381 3.62 -15.63 20.95
CA TYR B 381 3.33 -16.13 19.61
C TYR B 381 3.73 -17.59 19.53
N ALA B 382 3.35 -18.23 18.43
CA ALA B 382 3.72 -19.61 18.17
C ALA B 382 3.78 -19.85 16.67
N TYR B 383 4.63 -20.79 16.26
CA TYR B 383 4.73 -21.26 14.88
C TYR B 383 4.72 -22.77 14.89
N GLY B 384 3.78 -23.37 14.17
CA GLY B 384 3.60 -24.80 14.19
C GLY B 384 3.64 -25.40 12.79
N VAL B 385 4.11 -26.64 12.73
CA VAL B 385 4.16 -27.43 11.50
C VAL B 385 3.44 -28.73 11.78
N ARG B 386 2.43 -29.03 10.96
CA ARG B 386 1.74 -30.32 10.99
C ARG B 386 2.15 -31.05 9.71
N HIS B 387 2.90 -32.13 9.89
CA HIS B 387 3.19 -33.06 8.83
C HIS B 387 1.94 -33.90 8.55
N THR B 388 1.90 -34.48 7.36
CA THR B 388 0.73 -35.24 6.94
C THR B 388 0.74 -36.69 7.42
N ILE B 389 1.90 -37.21 7.80
CA ILE B 389 2.01 -38.61 8.20
C ILE B 389 2.75 -38.69 9.53
N PRO B 390 2.51 -39.72 10.36
CA PRO B 390 1.51 -40.78 10.17
C PRO B 390 0.09 -40.25 10.18
N PHE B 391 -0.77 -40.79 9.31
CA PHE B 391 -2.12 -40.25 9.17
C PHE B 391 -2.89 -40.38 10.48
N THR B 392 -2.67 -41.47 11.22
CA THR B 392 -3.33 -41.63 12.50
C THR B 392 -2.71 -40.73 13.57
N ARG B 393 -1.38 -40.68 13.62
CA ARG B 393 -0.65 -39.86 14.60
C ARG B 393 0.27 -38.92 13.83
N PRO B 394 -0.26 -37.80 13.31
CA PRO B 394 0.58 -36.89 12.50
C PRO B 394 1.48 -36.02 13.36
N LYS B 395 2.77 -36.00 13.01
CA LYS B 395 3.74 -35.19 13.74
C LYS B 395 3.30 -33.72 13.74
N THR B 396 3.26 -33.11 14.92
CA THR B 396 2.99 -31.68 15.06
C THR B 396 4.10 -31.05 15.88
N GLU B 397 5.00 -30.34 15.20
CA GLU B 397 6.13 -29.67 15.83
C GLU B 397 5.80 -28.19 16.00
N VAL B 398 6.32 -27.59 17.06
CA VAL B 398 5.99 -26.20 17.39
C VAL B 398 7.23 -25.50 17.93
N HIS B 399 7.26 -24.18 17.74
CA HIS B 399 8.33 -23.35 18.30
C HIS B 399 7.73 -21.97 18.57
N GLY B 400 8.01 -21.41 19.75
CA GLY B 400 7.37 -20.16 20.13
C GLY B 400 7.80 -19.59 21.47
N THR B 401 6.91 -18.80 22.11
CA THR B 401 7.25 -18.14 23.36
C THR B 401 6.15 -18.26 24.40
N TYR B 402 5.42 -19.37 24.43
CA TYR B 402 4.53 -19.64 25.55
C TYR B 402 5.33 -20.14 26.75
N PRO B 403 4.74 -20.13 27.95
CA PRO B 403 5.44 -20.65 29.13
C PRO B 403 5.78 -22.12 28.99
N LYS B 404 7.05 -22.46 29.25
CA LYS B 404 7.54 -23.83 29.03
C LYS B 404 6.62 -24.87 29.67
N ALA B 405 6.04 -24.56 30.82
CA ALA B 405 5.16 -25.51 31.49
C ALA B 405 3.95 -25.87 30.62
N TRP B 406 3.37 -24.88 29.92
CA TRP B 406 2.24 -25.22 29.08
C TRP B 406 2.65 -26.09 27.90
N LEU B 407 3.89 -25.93 27.39
CA LEU B 407 4.36 -26.83 26.34
C LEU B 407 4.48 -28.25 26.87
N GLU B 408 5.09 -28.40 28.05
CA GLU B 408 5.09 -29.70 28.71
C GLU B 408 3.68 -30.27 28.74
N ARG B 409 2.70 -29.47 29.18
CA ARG B 409 1.32 -29.94 29.25
C ARG B 409 0.77 -30.30 27.87
N TYR B 410 1.02 -29.44 26.88
CA TYR B 410 0.47 -29.61 25.54
C TYR B 410 0.94 -30.91 24.91
N GLN B 411 2.25 -31.15 24.92
CA GLN B 411 2.76 -32.39 24.35
C GLN B 411 2.39 -33.58 25.23
N MET B 412 2.40 -33.41 26.55
CA MET B 412 2.02 -34.48 27.46
C MET B 412 0.66 -35.05 27.10
N GLN B 413 -0.31 -34.19 26.81
CA GLN B 413 -1.64 -34.61 26.38
C GLN B 413 -1.78 -34.60 24.86
N ASN B 414 -0.65 -34.63 24.14
CA ASN B 414 -0.63 -34.56 22.67
C ASN B 414 -1.74 -33.67 22.13
N TYR B 415 -1.86 -32.46 22.68
CA TYR B 415 -2.85 -31.51 22.18
C TYR B 415 -2.63 -31.17 20.71
N GLY B 416 -1.45 -31.44 20.15
CA GLY B 416 -1.20 -31.08 18.77
C GLY B 416 -2.00 -31.89 17.76
N ALA B 417 -2.49 -33.06 18.18
CA ALA B 417 -3.38 -33.83 17.31
C ALA B 417 -4.72 -33.12 17.14
N VAL B 418 -5.42 -32.87 18.25
CA VAL B 418 -6.77 -32.33 18.21
C VAL B 418 -6.78 -30.89 18.74
N ASP B 419 -5.92 -30.04 18.18
CA ASP B 419 -5.99 -28.61 18.47
C ASP B 419 -6.83 -27.94 17.38
N PRO B 420 -7.99 -27.36 17.72
CA PRO B 420 -8.86 -26.84 16.64
C PRO B 420 -8.22 -25.73 15.84
N ALA B 421 -7.43 -24.87 16.47
CA ALA B 421 -6.79 -23.76 15.76
C ALA B 421 -5.91 -24.28 14.63
N ILE B 422 -5.26 -25.42 14.85
CA ILE B 422 -4.38 -25.98 13.83
C ILE B 422 -5.21 -26.73 12.79
N LEU B 423 -6.27 -27.41 13.22
CA LEU B 423 -7.06 -28.23 12.30
C LEU B 423 -7.89 -27.39 11.35
N ASN B 424 -8.22 -26.15 11.72
CA ASN B 424 -8.92 -25.29 10.78
C ASN B 424 -8.12 -25.10 9.50
N GLY B 425 -6.78 -25.18 9.59
CA GLY B 425 -5.95 -25.03 8.41
C GLY B 425 -6.07 -26.18 7.43
N LEU B 426 -6.57 -27.33 7.88
CA LEU B 426 -6.73 -28.47 6.97
C LEU B 426 -7.80 -28.21 5.92
N ARG B 427 -8.77 -27.34 6.23
CA ARG B 427 -9.90 -27.08 5.33
C ARG B 427 -10.00 -25.63 4.86
N SER B 428 -9.31 -24.69 5.51
CA SER B 428 -9.48 -23.28 5.20
C SER B 428 -8.15 -22.55 5.30
N SER B 429 -8.00 -21.52 4.46
CA SER B 429 -6.88 -20.60 4.49
C SER B 429 -7.21 -19.29 5.17
N GLU B 430 -8.36 -19.20 5.82
CA GLU B 430 -8.80 -17.98 6.48
C GLU B 430 -8.27 -17.94 7.91
N MET B 431 -8.05 -16.73 8.41
CA MET B 431 -7.63 -16.57 9.80
C MET B 431 -8.73 -17.00 10.76
N VAL B 432 -8.33 -17.47 11.93
CA VAL B 432 -9.25 -17.93 12.97
C VAL B 432 -9.00 -17.13 14.23
N VAL B 433 -10.00 -16.37 14.67
CA VAL B 433 -9.96 -15.66 15.94
C VAL B 433 -10.47 -16.60 17.03
N TRP B 434 -9.74 -16.66 18.14
CA TRP B 434 -10.08 -17.59 19.20
C TRP B 434 -11.45 -17.29 19.79
N SER B 435 -12.26 -18.33 19.94
CA SER B 435 -13.65 -18.19 20.35
C SER B 435 -14.13 -19.53 20.91
N ASP B 436 -15.05 -19.45 21.87
CA ASP B 436 -15.54 -20.66 22.53
C ASP B 436 -16.12 -21.65 21.53
N SER B 437 -16.89 -21.15 20.55
CA SER B 437 -17.48 -22.06 19.57
C SER B 437 -16.40 -22.91 18.89
N LEU B 438 -15.28 -22.28 18.53
CA LEU B 438 -14.17 -23.03 17.94
C LEU B 438 -13.66 -24.10 18.90
N PHE B 439 -13.63 -23.80 20.19
CA PHE B 439 -13.07 -24.70 21.19
C PHE B 439 -14.12 -25.54 21.91
N ASP B 440 -15.38 -25.49 21.47
CA ASP B 440 -16.40 -26.33 22.09
C ASP B 440 -16.07 -27.81 21.92
N GLN B 441 -15.37 -28.15 20.84
CA GLN B 441 -15.06 -29.55 20.55
C GLN B 441 -13.90 -30.06 21.40
N SER B 442 -13.00 -29.17 21.82
CA SER B 442 -11.84 -29.53 22.63
C SER B 442 -11.83 -28.58 23.83
N ARG B 443 -12.80 -28.76 24.73
CA ARG B 443 -12.97 -27.80 25.80
C ARG B 443 -11.80 -27.86 26.78
N MET B 444 -11.25 -29.04 27.03
CA MET B 444 -10.19 -29.16 28.03
C MET B 444 -8.97 -28.31 27.63
N LEU B 445 -8.56 -28.42 26.37
CA LEU B 445 -7.42 -27.63 25.89
C LEU B 445 -7.67 -26.15 26.07
N TRP B 446 -8.86 -25.67 25.68
CA TRP B 446 -9.17 -24.26 25.80
C TRP B 446 -9.20 -23.81 27.26
N ASN B 447 -9.80 -24.63 28.12
CA ASN B 447 -9.86 -24.29 29.55
C ASN B 447 -8.46 -24.14 30.12
N GLU B 448 -7.57 -25.08 29.79
CA GLU B 448 -6.22 -25.02 30.33
C GLU B 448 -5.43 -23.87 29.74
N ALA B 449 -5.55 -23.61 28.43
CA ALA B 449 -4.90 -22.45 27.85
C ALA B 449 -5.37 -21.17 28.52
N ARG B 450 -6.68 -21.05 28.76
CA ARG B 450 -7.20 -19.89 29.48
C ARG B 450 -6.61 -19.79 30.88
N ASP B 451 -6.44 -20.93 31.55
CA ASP B 451 -5.84 -20.93 32.87
C ASP B 451 -4.45 -20.29 32.86
N TRP B 452 -3.73 -20.38 31.73
CA TRP B 452 -2.39 -19.83 31.64
C TRP B 452 -2.37 -18.38 31.16
N GLY B 453 -3.52 -17.74 30.98
CA GLY B 453 -3.58 -16.37 30.53
C GLY B 453 -3.78 -16.20 29.04
N LEU B 454 -3.55 -17.25 28.26
CA LEU B 454 -3.75 -17.19 26.81
C LEU B 454 -5.24 -17.04 26.50
N CYS B 455 -5.82 -15.90 26.86
CA CYS B 455 -7.26 -15.70 26.78
C CYS B 455 -7.71 -15.11 25.46
N VAL B 456 -6.89 -14.30 24.79
CA VAL B 456 -7.24 -13.74 23.48
C VAL B 456 -6.12 -14.07 22.51
N GLY B 457 -6.49 -14.38 21.27
CA GLY B 457 -5.48 -14.69 20.27
C GLY B 457 -6.11 -15.01 18.93
N ALA B 458 -5.24 -15.29 17.97
CA ALA B 458 -5.66 -15.68 16.63
C ALA B 458 -4.60 -16.58 16.01
N THR B 459 -4.99 -17.27 14.95
CA THR B 459 -4.16 -18.28 14.28
C THR B 459 -4.41 -18.23 12.78
N LEU B 460 -3.32 -18.13 11.99
CA LEU B 460 -3.37 -18.09 10.53
C LEU B 460 -2.78 -19.38 9.95
N PRO B 461 -3.42 -19.98 8.92
CA PRO B 461 -2.83 -21.15 8.26
C PRO B 461 -2.22 -20.86 6.89
N ILE B 462 -1.13 -21.54 6.55
CA ILE B 462 -0.53 -21.45 5.23
C ILE B 462 0.05 -22.81 4.87
N ARG B 463 0.08 -23.11 3.58
CA ARG B 463 0.60 -24.36 3.05
C ARG B 463 1.97 -24.10 2.43
N ALA B 464 3.02 -24.62 3.06
CA ALA B 464 4.34 -24.55 2.44
C ALA B 464 4.30 -25.30 1.11
N PRO B 465 5.22 -25.00 0.19
CA PRO B 465 5.18 -25.66 -1.11
C PRO B 465 5.50 -27.16 -1.10
N ASN B 466 5.60 -27.77 0.07
CA ASN B 466 5.93 -29.19 0.17
C ASN B 466 4.91 -29.94 1.01
N ASN B 467 3.63 -29.58 0.87
CA ASN B 467 2.52 -30.32 1.48
C ASN B 467 2.57 -30.33 3.01
N LEU B 468 3.23 -29.35 3.62
CA LEU B 468 3.26 -29.21 5.07
C LEU B 468 2.27 -28.12 5.48
N LEU B 469 1.63 -28.29 6.64
CA LEU B 469 0.69 -27.29 7.14
C LEU B 469 1.38 -26.44 8.20
N SER B 470 1.77 -25.23 7.85
CA SER B 470 2.39 -24.33 8.82
C SER B 470 1.38 -23.27 9.26
N VAL B 471 1.45 -22.93 10.55
CA VAL B 471 0.45 -22.06 11.17
C VAL B 471 1.14 -21.10 12.12
N LEU B 472 0.59 -19.89 12.22
CA LEU B 472 1.16 -18.83 13.06
C LEU B 472 0.10 -18.27 13.99
N SER B 473 0.36 -18.34 15.30
CA SER B 473 -0.56 -17.87 16.31
C SER B 473 0.02 -16.69 17.08
N VAL B 474 -0.86 -15.79 17.51
CA VAL B 474 -0.50 -14.67 18.38
C VAL B 474 -1.49 -14.62 19.52
N ALA B 475 -1.03 -14.21 20.70
CA ALA B 475 -1.89 -14.23 21.87
C ALA B 475 -1.50 -13.18 22.90
N ARG B 476 -2.52 -12.70 23.61
CA ARG B 476 -2.40 -11.83 24.78
C ARG B 476 -3.53 -12.21 25.73
N ASP B 477 -3.74 -11.38 26.75
CA ASP B 477 -4.55 -11.78 27.91
C ASP B 477 -5.84 -11.01 28.11
N GLN B 478 -5.88 -9.69 27.90
CA GLN B 478 -6.98 -8.90 28.47
C GLN B 478 -7.80 -8.11 27.46
N GLN B 479 -7.33 -7.91 26.24
CA GLN B 479 -8.03 -7.06 25.27
C GLN B 479 -8.57 -7.92 24.13
N ASN B 480 -9.86 -7.78 23.88
CA ASN B 480 -10.50 -8.47 22.77
C ASN B 480 -10.08 -7.83 21.44
N ILE B 481 -10.00 -8.67 20.42
CA ILE B 481 -9.59 -8.20 19.09
C ILE B 481 -10.69 -7.28 18.56
N SER B 482 -10.39 -5.98 18.49
CA SER B 482 -11.34 -5.03 17.93
C SER B 482 -11.40 -5.18 16.40
N SER B 483 -12.54 -4.78 15.83
CA SER B 483 -12.86 -5.13 14.46
C SER B 483 -11.80 -4.66 13.46
N PHE B 484 -11.49 -3.37 13.45
CA PHE B 484 -10.57 -2.84 12.43
C PHE B 484 -9.17 -3.45 12.56
N GLU B 485 -8.65 -3.47 13.79
CA GLU B 485 -7.35 -4.09 14.00
C GLU B 485 -7.37 -5.55 13.59
N ARG B 486 -8.54 -6.20 13.60
CA ARG B 486 -8.57 -7.61 13.19
C ARG B 486 -8.06 -7.77 11.77
N GLU B 487 -8.63 -7.03 10.82
CA GLU B 487 -8.22 -7.20 9.43
C GLU B 487 -6.79 -6.71 9.22
N GLU B 488 -6.41 -5.60 9.86
CA GLU B 488 -5.03 -5.17 9.73
C GLU B 488 -4.08 -6.28 10.18
N ILE B 489 -4.34 -6.83 11.37
CA ILE B 489 -3.56 -7.95 11.91
C ILE B 489 -3.51 -9.08 10.88
N ARG B 490 -4.68 -9.62 10.53
CA ARG B 490 -4.76 -10.72 9.58
C ARG B 490 -3.79 -10.55 8.43
N LEU B 491 -3.81 -9.37 7.80
CA LEU B 491 -2.93 -9.15 6.66
C LEU B 491 -1.47 -9.24 7.08
N ARG B 492 -1.08 -8.55 8.16
CA ARG B 492 0.33 -8.56 8.53
C ARG B 492 0.80 -9.97 8.85
N LEU B 493 -0.05 -10.75 9.53
CA LEU B 493 0.29 -12.13 9.87
C LEU B 493 0.47 -12.98 8.62
N ARG B 494 -0.41 -12.81 7.63
CA ARG B 494 -0.24 -13.53 6.37
C ARG B 494 1.14 -13.27 5.80
N CYS B 495 1.51 -11.99 5.71
CA CYS B 495 2.80 -11.64 5.11
C CYS B 495 3.96 -12.23 5.93
N MET B 496 3.88 -12.09 7.25
CA MET B 496 4.96 -12.57 8.11
C MET B 496 5.15 -14.08 7.97
N ILE B 497 4.07 -14.85 7.97
CA ILE B 497 4.24 -16.30 7.90
C ILE B 497 4.74 -16.70 6.52
N GLU B 498 4.27 -16.04 5.46
CA GLU B 498 4.82 -16.37 4.14
C GLU B 498 6.33 -16.19 4.11
N LEU B 499 6.80 -15.04 4.57
CA LEU B 499 8.24 -14.78 4.52
C LEU B 499 8.98 -15.70 5.47
N LEU B 500 8.37 -16.04 6.61
CA LEU B 500 9.00 -16.90 7.60
C LEU B 500 9.24 -18.30 7.04
N THR B 501 8.18 -18.94 6.51
CA THR B 501 8.37 -20.26 5.94
C THR B 501 9.40 -20.22 4.81
N GLN B 502 9.33 -19.19 3.96
CA GLN B 502 10.35 -19.06 2.92
C GLN B 502 11.76 -19.03 3.50
N LYS B 503 11.98 -18.19 4.51
CA LYS B 503 13.34 -18.00 4.99
C LYS B 503 13.83 -19.23 5.74
N LEU B 504 12.95 -19.90 6.49
CA LEU B 504 13.37 -21.09 7.22
C LEU B 504 13.63 -22.27 6.30
N THR B 505 12.89 -22.34 5.18
CA THR B 505 13.26 -23.33 4.16
C THR B 505 14.59 -22.96 3.53
N ASP B 506 14.82 -21.67 3.29
CA ASP B 506 16.12 -21.21 2.82
C ASP B 506 17.22 -21.46 3.84
N LEU B 507 16.86 -21.61 5.12
CA LEU B 507 17.83 -21.90 6.17
C LEU B 507 17.85 -23.36 6.55
N GLU B 508 17.04 -24.19 5.88
CA GLU B 508 17.04 -25.64 6.08
C GLU B 508 16.88 -25.99 7.56
N HIS B 509 15.74 -25.55 8.12
CA HIS B 509 15.42 -25.89 9.49
C HIS B 509 15.01 -27.36 9.59
N PRO B 510 15.27 -28.01 10.73
CA PRO B 510 14.90 -29.43 10.86
C PRO B 510 13.40 -29.63 11.01
N MET B 511 12.72 -28.69 11.66
CA MET B 511 11.28 -28.81 11.86
C MET B 511 10.56 -28.86 10.52
N LEU B 512 11.07 -28.17 9.51
CA LEU B 512 10.46 -28.23 8.19
C LEU B 512 10.97 -29.44 7.43
N MET B 513 12.18 -29.89 7.75
CA MET B 513 12.76 -31.06 7.09
C MET B 513 11.84 -32.26 7.23
N SER B 514 11.71 -33.02 6.15
CA SER B 514 10.85 -34.19 6.11
C SER B 514 11.71 -35.43 5.84
N ASN B 515 11.08 -36.59 6.02
CA ASN B 515 11.71 -37.90 5.83
C ASN B 515 12.61 -37.91 4.60
N PRO B 516 13.94 -38.02 4.78
CA PRO B 516 14.87 -37.89 3.65
C PRO B 516 14.91 -39.10 2.70
N VAL B 517 14.16 -39.04 1.61
CA VAL B 517 14.14 -40.11 0.60
C VAL B 517 14.33 -39.47 -0.79
N CYS B 518 15.31 -39.98 -1.54
CA CYS B 518 15.61 -39.48 -2.89
C CYS B 518 15.46 -40.58 -3.93
N LEU B 519 14.74 -40.26 -5.03
CA LEU B 519 14.57 -41.16 -6.16
C LEU B 519 15.11 -40.56 -7.46
N SER B 520 15.56 -41.45 -8.35
CA SER B 520 15.98 -41.11 -9.70
C SER B 520 14.78 -41.07 -10.65
N HIS B 521 15.00 -40.50 -11.83
CA HIS B 521 13.93 -40.37 -12.82
C HIS B 521 13.26 -41.70 -13.13
N ARG B 522 14.04 -42.77 -13.27
CA ARG B 522 13.47 -44.05 -13.67
C ARG B 522 12.54 -44.61 -12.61
N GLU B 523 13.04 -44.75 -11.37
CA GLU B 523 12.20 -45.28 -10.30
C GLU B 523 11.08 -44.30 -9.94
N ARG B 524 11.35 -43.00 -10.04
CA ARG B 524 10.29 -42.01 -9.81
C ARG B 524 9.17 -42.16 -10.82
N GLU B 525 9.50 -42.35 -12.09
CA GLU B 525 8.48 -42.52 -13.11
C GLU B 525 7.75 -43.85 -12.96
N ILE B 526 8.46 -44.90 -12.53
CA ILE B 526 7.82 -46.16 -12.20
C ILE B 526 6.78 -45.96 -11.09
N LEU B 527 7.12 -45.18 -10.06
CA LEU B 527 6.17 -44.89 -9.00
C LEU B 527 5.03 -44.01 -9.49
N GLN B 528 5.32 -43.10 -10.42
CA GLN B 528 4.27 -42.28 -11.03
C GLN B 528 3.26 -43.14 -11.75
N TRP B 529 3.73 -44.22 -12.38
CA TRP B 529 2.85 -45.15 -13.08
C TRP B 529 2.09 -46.03 -12.08
N THR B 530 2.77 -46.57 -11.08
CA THR B 530 2.11 -47.45 -10.13
C THR B 530 1.02 -46.71 -9.36
N ALA B 531 1.32 -45.49 -8.92
CA ALA B 531 0.32 -44.67 -8.24
C ALA B 531 -0.83 -44.26 -9.15
N ASP B 532 -0.70 -44.47 -10.46
CA ASP B 532 -1.81 -44.28 -11.39
C ASP B 532 -2.63 -45.54 -11.60
N GLY B 533 -2.27 -46.64 -10.95
CA GLY B 533 -3.05 -47.85 -10.99
C GLY B 533 -2.50 -48.95 -11.89
N LYS B 534 -1.33 -48.74 -12.49
CA LYS B 534 -0.79 -49.71 -13.43
C LYS B 534 -0.19 -50.89 -12.66
N SER B 535 -0.31 -52.08 -13.25
CA SER B 535 0.31 -53.26 -12.67
C SER B 535 1.75 -53.38 -13.16
N SER B 536 2.50 -54.27 -12.54
CA SER B 536 3.90 -54.46 -12.89
C SER B 536 4.08 -54.69 -14.39
N GLY B 537 3.26 -55.57 -14.98
CA GLY B 537 3.42 -55.89 -16.38
C GLY B 537 3.18 -54.71 -17.30
N GLU B 538 2.13 -53.94 -17.02
CA GLU B 538 1.80 -52.78 -17.85
C GLU B 538 2.91 -51.74 -17.77
N ILE B 539 3.46 -51.54 -16.57
CA ILE B 539 4.58 -50.63 -16.40
C ILE B 539 5.77 -51.11 -17.22
N ALA B 540 6.11 -52.39 -17.10
CA ALA B 540 7.21 -52.95 -17.87
C ALA B 540 7.00 -52.73 -19.36
N ILE B 541 5.78 -52.96 -19.84
CA ILE B 541 5.48 -52.74 -21.26
C ILE B 541 5.76 -51.29 -21.64
N ILE B 542 5.23 -50.35 -20.85
CA ILE B 542 5.31 -48.95 -21.24
C ILE B 542 6.76 -48.46 -21.20
N LEU B 543 7.52 -48.88 -20.20
CA LEU B 543 8.91 -48.48 -20.06
C LEU B 543 9.88 -49.33 -20.89
N SER B 544 9.38 -50.36 -21.59
CA SER B 544 10.22 -51.20 -22.44
C SER B 544 11.31 -51.92 -21.64
N ILE B 545 10.93 -52.46 -20.48
CA ILE B 545 11.80 -53.30 -19.68
C ILE B 545 11.01 -54.52 -19.21
N SER B 546 11.70 -55.44 -18.52
CA SER B 546 11.08 -56.69 -18.09
C SER B 546 10.27 -56.48 -16.80
N GLU B 547 9.35 -57.41 -16.55
CA GLU B 547 8.53 -57.34 -15.34
C GLU B 547 9.31 -57.69 -14.08
N SER B 548 10.24 -58.66 -14.19
CA SER B 548 11.10 -58.95 -13.05
C SER B 548 11.88 -57.72 -12.64
N THR B 549 12.42 -57.00 -13.63
CA THR B 549 13.09 -55.73 -13.37
C THR B 549 12.17 -54.78 -12.62
N VAL B 550 10.89 -54.71 -13.02
CA VAL B 550 9.96 -53.76 -12.41
C VAL B 550 9.66 -54.14 -10.95
N ASN B 551 9.46 -55.42 -10.67
CA ASN B 551 9.15 -55.80 -9.29
C ASN B 551 10.36 -55.65 -8.39
N PHE B 552 11.55 -55.94 -8.92
CA PHE B 552 12.79 -55.62 -8.23
C PHE B 552 12.89 -54.13 -7.94
N HIS B 553 12.50 -53.30 -8.91
CA HIS B 553 12.41 -51.85 -8.66
C HIS B 553 11.44 -51.54 -7.52
N HIS B 554 10.29 -52.20 -7.50
CA HIS B 554 9.33 -52.01 -6.41
C HIS B 554 10.00 -52.27 -5.06
N LYS B 555 10.80 -53.33 -5.00
CA LYS B 555 11.52 -53.64 -3.76
C LYS B 555 12.49 -52.51 -3.42
N ASN B 556 13.21 -52.01 -4.43
CA ASN B 556 14.07 -50.84 -4.23
C ASN B 556 13.32 -49.75 -3.49
N ILE B 557 12.18 -49.36 -4.05
CA ILE B 557 11.41 -48.24 -3.51
C ILE B 557 10.98 -48.55 -2.07
N GLN B 558 10.38 -49.71 -1.86
CA GLN B 558 9.91 -50.07 -0.51
C GLN B 558 11.02 -49.93 0.52
N LYS B 559 12.23 -50.40 0.21
CA LYS B 559 13.28 -50.44 1.22
C LYS B 559 13.51 -49.06 1.85
N LYS B 560 13.41 -47.99 1.05
CA LYS B 560 13.68 -46.64 1.56
C LYS B 560 12.62 -46.19 2.57
N PHE B 561 11.35 -46.43 2.27
CA PHE B 561 10.27 -45.97 3.13
C PHE B 561 10.09 -46.82 4.38
N ASP B 562 10.83 -47.91 4.54
CA ASP B 562 10.49 -48.89 5.55
C ASP B 562 9.01 -49.26 5.43
N ALA B 563 8.62 -49.65 4.22
CA ALA B 563 7.23 -49.88 3.90
C ALA B 563 6.97 -51.37 3.67
N PRO B 564 5.78 -51.87 4.03
CA PRO B 564 5.50 -53.31 3.87
C PRO B 564 4.89 -53.69 2.53
N ASN B 565 4.39 -52.74 1.75
CA ASN B 565 3.80 -53.05 0.46
C ASN B 565 3.90 -51.81 -0.43
N LYS B 566 3.30 -51.89 -1.62
CA LYS B 566 3.38 -50.79 -2.57
C LYS B 566 2.44 -49.65 -2.22
N THR B 567 1.35 -49.94 -1.51
CA THR B 567 0.36 -48.91 -1.22
C THR B 567 0.92 -47.85 -0.29
N LEU B 568 1.61 -48.27 0.77
CA LEU B 568 2.19 -47.30 1.69
C LEU B 568 3.19 -46.40 0.96
N ALA B 569 4.02 -46.98 0.11
CA ALA B 569 4.98 -46.20 -0.64
C ALA B 569 4.28 -45.16 -1.51
N ALA B 570 3.25 -45.58 -2.26
CA ALA B 570 2.56 -44.65 -3.13
C ALA B 570 1.91 -43.52 -2.32
N ALA B 571 1.29 -43.86 -1.20
CA ALA B 571 0.56 -42.85 -0.43
C ALA B 571 1.54 -41.85 0.20
N TYR B 572 2.65 -42.33 0.74
CA TYR B 572 3.64 -41.42 1.32
C TYR B 572 4.29 -40.56 0.25
N ALA B 573 4.56 -41.14 -0.94
CA ALA B 573 5.14 -40.36 -2.02
C ALA B 573 4.19 -39.26 -2.47
N ALA B 574 2.89 -39.56 -2.56
CA ALA B 574 1.92 -38.53 -2.91
C ALA B 574 1.84 -37.47 -1.82
N ALA B 575 1.87 -37.88 -0.55
CA ALA B 575 1.75 -36.93 0.54
C ALA B 575 2.97 -36.02 0.64
N LEU B 576 4.13 -36.51 0.19
CA LEU B 576 5.38 -35.76 0.27
C LEU B 576 5.68 -34.95 -0.99
N GLY B 577 4.84 -35.04 -2.02
CA GLY B 577 5.06 -34.27 -3.22
C GLY B 577 6.19 -34.76 -4.09
N LEU B 578 6.56 -36.04 -3.96
CA LEU B 578 7.70 -36.60 -4.68
C LEU B 578 7.37 -37.08 -6.09
N ILE B 579 6.10 -37.32 -6.40
CA ILE B 579 5.72 -37.80 -7.72
C ILE B 579 4.66 -36.86 -8.32
#